data_1W18
#
_entry.id   1W18
#
_cell.length_a   53.803
_cell.length_b   119.391
_cell.length_c   215.101
_cell.angle_alpha   90.00
_cell.angle_beta   90.00
_cell.angle_gamma   90.00
#
_symmetry.space_group_name_H-M   'P 21 21 21'
#
loop_
_entity.id
_entity.type
_entity.pdbx_description
1 polymer LEVANSUCRASE
2 non-polymer 'SULFATE ION'
3 water water
#
_entity_poly.entity_id   1
_entity_poly.type   'polypeptide(L)'
_entity_poly.pdbx_seq_one_letter_code
;AGVPGFPLPSIHTQQAYDPQSDFTARWTRADALQIKAHSDATVAAGQNSLPAQLTMPNIPADFPVINPDVWVWDTWTLID
KHADQFSYNGWEVIFCLTADPNAGYGFDDRHVHARIGFFYRRAGIPASRRPVNGGWTYGGHLFPDGASAQVYAGQTYTNQ
AEWSGSSRLMQIHGNTVSVFYTDVAFNRDANANNITPPQAIITQTLGRIHADFNHVWFTGFTAHTPLLQPDGVLYQNGAQ
NEFFNFRDPFTFEDPKHPGVNYMVFEGNTAGQRGVANCTEADLGFRPNDPNAETLQEVLDSGAYYQKANIGLAIATDSTL
SKWKFLSPLISANCVNDQTERPQVYLHNGKYYIFTISHRTTFAAGVDGPDGVYGFVGDGIRSDFQPMNYGSGLTMGNPTD
LNTAAGTDFDPSPDQNPRAFQSYSHYVMPGGLVESFIDTVENRRGGTLAPTVRVRIAQNASAVDLRYGNGGLGGYGDIPA
NRADVNIAGFIQD
;
_entity_poly.pdbx_strand_id   A,B
#
# COMPACT_ATOMS: atom_id res chain seq x y z
N GLY A 2 13.39 -12.33 -28.90
CA GLY A 2 12.51 -13.56 -28.95
C GLY A 2 13.06 -14.69 -28.07
N VAL A 3 13.31 -14.38 -26.79
CA VAL A 3 14.04 -15.26 -25.85
C VAL A 3 13.16 -16.25 -25.02
N PRO A 4 13.41 -17.56 -25.14
CA PRO A 4 12.55 -18.61 -24.51
C PRO A 4 12.11 -18.37 -23.07
N GLY A 5 10.80 -18.49 -22.80
CA GLY A 5 10.23 -18.28 -21.45
C GLY A 5 9.87 -16.85 -21.06
N PHE A 6 10.25 -15.87 -21.89
CA PHE A 6 10.03 -14.47 -21.58
C PHE A 6 9.12 -13.83 -22.62
N PRO A 7 8.36 -12.83 -22.23
CA PRO A 7 7.57 -12.09 -23.22
C PRO A 7 8.44 -11.47 -24.30
N LEU A 8 7.85 -11.20 -25.44
CA LEU A 8 8.50 -10.40 -26.46
C LEU A 8 8.45 -8.95 -26.03
N PRO A 9 9.48 -8.17 -26.39
CA PRO A 9 9.48 -6.73 -26.09
C PRO A 9 8.38 -6.07 -26.88
N SER A 10 7.92 -4.93 -26.40
CA SER A 10 6.86 -4.23 -27.09
C SER A 10 7.35 -3.69 -28.41
N ILE A 11 6.42 -3.36 -29.29
CA ILE A 11 6.79 -2.72 -30.55
C ILE A 11 6.81 -1.23 -30.36
N HIS A 12 7.84 -0.57 -30.84
CA HIS A 12 7.93 0.88 -30.78
C HIS A 12 8.34 1.40 -32.16
N THR A 13 7.63 2.38 -32.70
CA THR A 13 7.92 2.86 -34.06
C THR A 13 9.14 3.76 -34.15
N GLN A 14 9.45 4.46 -33.08
CA GLN A 14 10.43 5.55 -33.10
C GLN A 14 9.93 6.82 -33.80
N GLN A 15 8.69 6.86 -34.26
CA GLN A 15 8.27 8.03 -35.01
C GLN A 15 8.20 9.29 -34.15
N ALA A 16 8.61 10.40 -34.73
CA ALA A 16 8.46 11.71 -34.11
C ALA A 16 6.97 12.09 -33.97
N TYR A 17 6.67 12.86 -32.94
CA TYR A 17 5.40 13.55 -32.75
C TYR A 17 5.69 15.01 -32.41
N ASP A 18 4.70 15.89 -32.58
CA ASP A 18 4.84 17.28 -32.10
C ASP A 18 5.18 17.23 -30.60
N PRO A 19 6.20 17.98 -30.18
CA PRO A 19 6.48 18.21 -28.78
C PRO A 19 5.33 18.89 -28.06
N GLN A 20 4.53 19.69 -28.77
CA GLN A 20 3.32 20.22 -28.15
C GLN A 20 2.24 19.16 -28.04
N SER A 21 2.33 18.04 -28.75
CA SER A 21 1.27 17.01 -28.67
C SER A 21 1.24 16.31 -27.32
N ASP A 22 0.33 15.37 -27.13
CA ASP A 22 0.19 14.67 -25.85
C ASP A 22 0.60 13.23 -25.85
N PHE A 23 1.43 12.83 -26.80
CA PHE A 23 1.88 11.44 -26.88
C PHE A 23 3.01 11.18 -25.88
N THR A 24 2.81 10.18 -25.05
CA THR A 24 3.84 9.76 -24.12
C THR A 24 4.27 8.35 -24.46
N ALA A 25 5.56 8.15 -24.72
CA ALA A 25 6.13 6.80 -24.90
C ALA A 25 6.09 6.06 -23.59
N ARG A 26 6.04 4.76 -23.65
CA ARG A 26 5.96 3.94 -22.48
C ARG A 26 7.14 3.02 -22.46
N TRP A 27 7.88 3.03 -21.37
CA TRP A 27 8.87 2.00 -21.14
C TRP A 27 8.08 0.91 -20.46
N THR A 28 7.69 -0.08 -21.26
CA THR A 28 6.72 -1.06 -20.82
C THR A 28 7.32 -2.24 -20.03
N ARG A 29 6.48 -3.02 -19.38
CA ARG A 29 6.96 -4.20 -18.68
C ARG A 29 7.66 -5.16 -19.62
N ALA A 30 6.96 -5.43 -20.74
CA ALA A 30 7.43 -6.20 -21.87
C ALA A 30 8.86 -5.81 -22.28
N ASP A 31 9.05 -4.50 -22.49
CA ASP A 31 10.38 -3.90 -22.69
C ASP A 31 11.36 -4.25 -21.53
N ALA A 32 11.03 -3.82 -20.32
CA ALA A 32 11.91 -3.94 -19.17
C ALA A 32 12.28 -5.37 -18.77
N LEU A 33 11.34 -6.31 -18.97
CA LEU A 33 11.54 -7.73 -18.63
C LEU A 33 12.65 -8.40 -19.42
N GLN A 34 13.01 -7.78 -20.53
CA GLN A 34 14.11 -8.21 -21.41
C GLN A 34 15.45 -8.21 -20.68
N ILE A 35 15.57 -7.33 -19.69
CA ILE A 35 16.79 -7.22 -18.92
C ILE A 35 17.08 -8.57 -18.24
N LYS A 36 16.11 -9.12 -17.50
CA LYS A 36 16.34 -10.42 -16.80
C LYS A 36 16.38 -11.54 -17.83
N ALA A 37 15.73 -11.31 -18.98
CA ALA A 37 15.80 -12.26 -20.13
C ALA A 37 17.22 -12.47 -20.71
N HIS A 38 18.05 -11.43 -20.66
CA HIS A 38 19.41 -11.48 -21.16
C HIS A 38 20.43 -11.55 -20.00
N SER A 39 19.94 -11.45 -18.75
CA SER A 39 20.76 -11.69 -17.57
C SER A 39 21.13 -13.16 -17.49
N ASP A 40 22.44 -13.41 -17.48
CA ASP A 40 22.94 -14.80 -17.41
C ASP A 40 22.60 -15.42 -16.06
N ALA A 41 21.66 -16.34 -16.06
CA ALA A 41 21.26 -17.02 -14.84
C ALA A 41 22.22 -18.18 -14.40
N THR A 42 23.28 -18.50 -15.16
CA THR A 42 24.25 -19.57 -14.76
C THR A 42 25.44 -19.10 -13.87
N VAL A 43 25.59 -17.79 -13.68
CA VAL A 43 26.76 -17.24 -12.96
C VAL A 43 26.75 -17.63 -11.49
N ALA A 44 27.92 -17.60 -10.86
CA ALA A 44 28.04 -17.84 -9.40
C ALA A 44 27.67 -16.58 -8.59
N ALA A 45 27.47 -16.78 -7.29
CA ALA A 45 27.08 -15.74 -6.37
C ALA A 45 28.03 -14.55 -6.49
N GLY A 46 27.47 -13.38 -6.75
CA GLY A 46 28.27 -12.17 -6.74
C GLY A 46 29.01 -11.86 -8.02
N GLN A 47 28.93 -12.76 -9.02
CA GLN A 47 29.46 -12.47 -10.37
C GLN A 47 28.44 -11.72 -11.21
N ASN A 48 28.93 -10.99 -12.20
CA ASN A 48 28.10 -10.15 -13.03
C ASN A 48 27.24 -11.00 -13.97
N SER A 49 25.93 -10.92 -13.81
CA SER A 49 25.02 -11.65 -14.70
C SER A 49 24.67 -10.85 -15.98
N LEU A 50 24.93 -9.54 -15.98
CA LEU A 50 24.65 -8.69 -17.13
C LEU A 50 25.42 -9.04 -18.40
N PRO A 51 24.86 -8.72 -19.57
CA PRO A 51 25.57 -8.91 -20.84
C PRO A 51 26.79 -8.01 -20.91
N ALA A 52 27.95 -8.59 -21.17
CA ALA A 52 29.26 -7.95 -20.98
C ALA A 52 29.42 -6.55 -21.60
N GLN A 53 28.80 -6.32 -22.75
CA GLN A 53 28.88 -5.03 -23.44
C GLN A 53 27.98 -3.96 -22.84
N LEU A 54 27.07 -4.36 -21.97
CA LEU A 54 26.25 -3.41 -21.20
C LEU A 54 26.72 -3.21 -19.75
N THR A 55 27.82 -3.87 -19.38
CA THR A 55 28.43 -3.75 -18.06
C THR A 55 29.49 -2.64 -18.04
N MET A 56 29.51 -1.84 -16.98
CA MET A 56 30.55 -0.84 -16.82
C MET A 56 31.80 -1.54 -16.29
N PRO A 57 32.98 -1.14 -16.75
CA PRO A 57 34.22 -1.65 -16.23
C PRO A 57 34.26 -1.55 -14.73
N ASN A 58 34.99 -2.45 -14.06
CA ASN A 58 35.15 -2.36 -12.61
C ASN A 58 36.01 -1.15 -12.23
N ILE A 59 35.57 -0.46 -11.19
CA ILE A 59 36.35 0.60 -10.57
C ILE A 59 37.30 -0.02 -9.51
N PRO A 60 38.56 0.44 -9.47
CA PRO A 60 39.50 -0.08 -8.47
C PRO A 60 39.15 0.35 -7.05
N ALA A 61 39.36 -0.52 -6.06
CA ALA A 61 39.08 -0.17 -4.66
C ALA A 61 39.87 1.06 -4.17
N ASP A 62 41.14 1.15 -4.57
CA ASP A 62 42.04 2.23 -4.13
C ASP A 62 41.97 3.50 -4.99
N PHE A 63 40.75 3.89 -5.37
CA PHE A 63 40.54 5.09 -6.17
C PHE A 63 41.06 6.30 -5.43
N PRO A 64 41.34 7.40 -6.12
CA PRO A 64 41.76 8.63 -5.48
C PRO A 64 40.53 9.42 -5.06
N VAL A 65 40.68 10.51 -4.31
CA VAL A 65 39.51 11.41 -4.09
C VAL A 65 39.70 12.76 -4.77
N ILE A 66 38.59 13.34 -5.19
CA ILE A 66 38.64 14.59 -5.90
C ILE A 66 39.20 15.65 -4.98
N ASN A 67 38.84 15.55 -3.71
CA ASN A 67 39.22 16.52 -2.70
C ASN A 67 38.96 15.91 -1.34
N PRO A 68 39.95 15.92 -0.44
CA PRO A 68 39.80 15.22 0.84
C PRO A 68 38.82 15.91 1.79
N ASP A 69 38.28 17.04 1.39
CA ASP A 69 37.52 17.83 2.31
C ASP A 69 36.10 18.04 1.82
N VAL A 70 35.76 17.48 0.66
CA VAL A 70 34.39 17.59 0.22
C VAL A 70 33.86 16.34 -0.45
N TRP A 71 32.66 15.95 -0.02
CA TRP A 71 31.80 14.97 -0.68
C TRP A 71 31.16 15.53 -1.95
N VAL A 72 31.29 14.75 -3.02
CA VAL A 72 30.93 15.17 -4.35
C VAL A 72 30.14 14.05 -4.99
N TRP A 73 28.99 14.40 -5.59
CA TRP A 73 28.22 13.40 -6.33
C TRP A 73 27.59 13.86 -7.67
N ASP A 74 26.30 14.09 -7.79
CA ASP A 74 25.79 14.63 -9.07
C ASP A 74 26.71 15.71 -9.59
N THR A 75 27.14 15.55 -10.82
CA THR A 75 28.16 16.39 -11.38
C THR A 75 27.77 16.62 -12.81
N TRP A 76 27.78 17.89 -13.20
CA TRP A 76 27.61 18.31 -14.55
C TRP A 76 28.66 19.34 -14.87
N THR A 77 28.68 19.82 -16.11
CA THR A 77 29.63 20.82 -16.52
C THR A 77 28.96 21.97 -17.31
N LEU A 78 29.77 22.87 -17.86
CA LEU A 78 29.23 24.06 -18.54
C LEU A 78 28.96 23.78 -20.03
N ILE A 79 27.67 23.81 -20.41
CA ILE A 79 27.22 23.42 -21.76
C ILE A 79 26.49 24.55 -22.44
N ASP A 80 26.51 24.55 -23.79
CA ASP A 80 25.62 25.46 -24.55
C ASP A 80 24.26 24.80 -24.82
N LYS A 81 23.44 25.51 -25.58
CA LYS A 81 22.11 25.06 -25.89
C LYS A 81 22.05 23.74 -26.71
N HIS A 82 23.21 23.22 -27.13
CA HIS A 82 23.32 21.98 -27.89
C HIS A 82 24.07 20.93 -27.08
N ALA A 83 24.22 21.17 -25.79
CA ALA A 83 24.92 20.22 -24.92
C ALA A 83 26.42 20.07 -25.17
N ASP A 84 27.00 20.86 -26.09
CA ASP A 84 28.46 20.88 -26.24
C ASP A 84 29.09 21.47 -24.97
N GLN A 85 30.23 20.92 -24.54
CA GLN A 85 30.87 21.33 -23.27
C GLN A 85 32.02 22.35 -23.48
N PHE A 86 31.81 23.55 -22.93
CA PHE A 86 32.72 24.69 -23.17
C PHE A 86 33.69 24.99 -22.03
N SER A 87 34.97 25.10 -22.35
CA SER A 87 35.92 25.75 -21.45
C SER A 87 35.71 27.26 -21.56
N TYR A 88 36.11 28.00 -20.53
CA TYR A 88 35.99 29.46 -20.55
C TYR A 88 37.36 30.00 -20.28
N ASN A 89 37.83 30.88 -21.19
CA ASN A 89 39.13 31.55 -21.05
C ASN A 89 40.20 30.65 -20.42
N GLY A 90 40.35 29.43 -20.94
CA GLY A 90 41.46 28.55 -20.56
C GLY A 90 41.13 27.54 -19.47
N TRP A 91 39.94 27.65 -18.89
CA TRP A 91 39.52 26.77 -17.78
C TRP A 91 38.38 25.82 -18.10
N GLU A 92 38.47 24.60 -17.59
CA GLU A 92 37.34 23.70 -17.52
C GLU A 92 36.69 23.91 -16.17
N VAL A 93 35.36 23.78 -16.13
CA VAL A 93 34.59 23.96 -14.88
C VAL A 93 33.58 22.84 -14.75
N ILE A 94 33.43 22.27 -13.55
CA ILE A 94 32.36 21.35 -13.26
C ILE A 94 31.60 21.73 -12.02
N PHE A 95 30.30 21.48 -12.05
CA PHE A 95 29.39 21.87 -11.01
C PHE A 95 28.92 20.59 -10.37
N CYS A 96 28.89 20.59 -9.04
CA CYS A 96 28.65 19.39 -8.23
C CYS A 96 27.71 19.66 -7.10
N LEU A 97 26.97 18.63 -6.74
CA LEU A 97 26.36 18.57 -5.45
C LEU A 97 27.49 18.22 -4.47
N THR A 98 27.68 19.09 -3.48
CA THR A 98 28.72 19.00 -2.49
C THR A 98 28.15 18.88 -1.09
N ALA A 99 28.92 18.27 -0.20
CA ALA A 99 28.54 18.17 1.19
C ALA A 99 29.79 17.98 2.02
N ASP A 100 29.63 18.14 3.33
CA ASP A 100 30.75 18.24 4.27
C ASP A 100 30.97 16.97 5.11
N PRO A 101 32.04 16.26 4.79
CA PRO A 101 32.43 15.04 5.49
C PRO A 101 32.57 15.20 6.99
N ASN A 102 33.07 16.36 7.42
CA ASN A 102 33.45 16.60 8.81
C ASN A 102 32.38 17.26 9.69
N ALA A 103 31.29 17.76 9.09
CA ALA A 103 30.09 18.12 9.85
C ALA A 103 29.54 16.86 10.48
N GLY A 104 28.37 16.94 11.10
CA GLY A 104 27.89 15.82 11.92
C GLY A 104 27.41 14.55 11.22
N TYR A 105 26.98 14.67 9.97
CA TYR A 105 26.13 13.65 9.34
C TYR A 105 26.87 12.60 8.55
N GLY A 106 26.19 11.48 8.33
CA GLY A 106 26.75 10.34 7.65
C GLY A 106 26.49 10.43 6.18
N PHE A 107 27.41 9.87 5.41
CA PHE A 107 27.42 10.00 3.94
C PHE A 107 26.01 9.87 3.39
N ASP A 108 25.32 8.84 3.82
CA ASP A 108 23.96 8.54 3.35
C ASP A 108 22.89 9.55 3.70
N ASP A 109 23.17 10.46 4.63
CA ASP A 109 22.24 11.52 4.96
C ASP A 109 22.76 12.87 4.47
N ARG A 110 23.49 12.92 3.37
CA ARG A 110 24.02 14.19 2.93
C ARG A 110 23.03 15.02 2.12
N HIS A 111 21.93 14.39 1.70
CA HIS A 111 21.12 14.93 0.63
C HIS A 111 20.42 16.19 1.05
N VAL A 112 19.77 16.16 2.21
CA VAL A 112 19.13 17.35 2.80
C VAL A 112 20.13 18.44 3.19
N HIS A 113 21.40 18.20 2.90
CA HIS A 113 22.47 19.14 3.18
C HIS A 113 23.15 19.64 1.92
N ALA A 114 22.77 19.13 0.75
CA ALA A 114 23.58 19.34 -0.45
C ALA A 114 23.62 20.79 -0.86
N ARG A 115 24.79 21.21 -1.32
CA ARG A 115 25.01 22.57 -1.79
C ARG A 115 25.67 22.42 -3.15
N ILE A 116 25.30 23.26 -4.11
CA ILE A 116 26.03 23.28 -5.38
C ILE A 116 27.37 24.00 -5.20
N GLY A 117 28.45 23.28 -5.53
CA GLY A 117 29.79 23.82 -5.56
C GLY A 117 30.34 23.70 -6.98
N PHE A 118 31.53 24.27 -7.20
CA PHE A 118 32.21 24.13 -8.49
C PHE A 118 33.69 23.87 -8.31
N PHE A 119 34.25 23.09 -9.23
CA PHE A 119 35.70 22.84 -9.30
C PHE A 119 36.21 23.36 -10.62
N TYR A 120 37.50 23.58 -10.71
CA TYR A 120 38.07 23.92 -12.00
C TYR A 120 39.47 23.37 -12.20
N ARG A 121 39.87 23.38 -13.46
CA ARG A 121 41.21 23.02 -13.85
C ARG A 121 41.48 23.51 -15.28
N ARG A 122 42.74 23.51 -15.63
CA ARG A 122 43.18 24.07 -16.89
C ARG A 122 42.61 23.29 -18.08
N ALA A 123 42.09 23.99 -19.09
CA ALA A 123 41.55 23.32 -20.26
C ALA A 123 42.62 22.78 -21.22
N GLY A 124 42.14 22.16 -22.29
CA GLY A 124 42.98 21.71 -23.42
C GLY A 124 44.08 20.71 -23.17
N ILE A 125 43.95 19.84 -22.17
CA ILE A 125 45.03 18.91 -21.77
C ILE A 125 44.58 17.44 -21.68
N PRO A 126 45.23 16.54 -22.43
CA PRO A 126 44.85 15.12 -22.38
C PRO A 126 44.98 14.49 -20.99
N ALA A 127 44.03 13.61 -20.67
CA ALA A 127 43.90 13.06 -19.32
C ALA A 127 45.14 12.29 -18.83
N SER A 128 45.94 11.79 -19.76
CA SER A 128 47.12 11.07 -19.38
C SER A 128 48.19 11.98 -18.75
N ARG A 129 47.97 13.29 -18.90
CA ARG A 129 48.94 14.33 -18.53
C ARG A 129 48.57 15.07 -17.24
N ARG A 130 47.53 14.61 -16.54
CA ARG A 130 47.01 15.29 -15.34
C ARG A 130 47.02 14.32 -14.17
N PRO A 131 46.93 14.86 -12.95
CA PRO A 131 46.89 14.02 -11.74
C PRO A 131 45.83 12.93 -11.78
N VAL A 132 46.15 11.81 -11.14
CA VAL A 132 45.29 10.64 -11.08
C VAL A 132 43.90 11.00 -10.60
N ASN A 133 43.82 11.95 -9.67
CA ASN A 133 42.50 12.39 -9.15
C ASN A 133 41.80 13.50 -9.94
N GLY A 134 42.29 13.82 -11.13
CA GLY A 134 41.62 14.83 -11.97
C GLY A 134 42.28 16.21 -12.01
N GLY A 135 42.99 16.59 -10.94
CA GLY A 135 43.59 17.92 -10.84
C GLY A 135 42.57 19.03 -10.64
N TRP A 136 41.45 18.70 -10.04
CA TRP A 136 40.39 19.68 -9.90
C TRP A 136 40.61 20.53 -8.66
N THR A 137 40.79 21.84 -8.82
CA THR A 137 40.86 22.69 -7.64
C THR A 137 39.42 23.19 -7.34
N TYR A 138 39.13 23.30 -6.05
CA TYR A 138 37.77 23.51 -5.56
C TYR A 138 37.51 25.00 -5.39
N GLY A 139 36.46 25.51 -5.99
CA GLY A 139 36.20 26.95 -5.99
C GLY A 139 35.27 27.45 -4.89
N GLY A 140 34.64 26.51 -4.18
CA GLY A 140 33.68 26.82 -3.12
C GLY A 140 32.26 26.65 -3.60
N HIS A 141 31.31 27.15 -2.83
CA HIS A 141 29.91 27.12 -3.23
C HIS A 141 29.70 27.95 -4.47
N LEU A 142 28.74 27.54 -5.29
CA LEU A 142 28.48 28.25 -6.51
C LEU A 142 27.61 29.44 -6.21
N PHE A 143 26.65 29.29 -5.30
CA PHE A 143 25.73 30.40 -5.00
C PHE A 143 26.07 31.13 -3.70
N PRO A 144 25.82 32.43 -3.67
CA PRO A 144 25.93 33.19 -2.43
C PRO A 144 25.06 32.55 -1.37
N ASP A 145 25.42 32.74 -0.09
CA ASP A 145 24.92 31.87 0.99
C ASP A 145 23.43 31.96 1.25
N GLY A 146 22.90 33.16 1.33
CA GLY A 146 21.45 33.24 1.48
C GLY A 146 20.56 32.71 0.35
N ALA A 147 21.09 32.54 -0.86
CA ALA A 147 20.28 32.85 -2.07
C ALA A 147 19.26 31.82 -2.49
N SER A 148 19.59 30.54 -2.34
CA SER A 148 18.70 29.47 -2.76
C SER A 148 17.54 29.31 -1.78
N ALA A 149 17.74 29.71 -0.54
CA ALA A 149 16.67 29.64 0.42
C ALA A 149 15.60 30.76 0.24
N GLN A 150 15.90 31.82 -0.53
CA GLN A 150 14.88 32.80 -0.93
C GLN A 150 13.65 32.20 -1.54
N VAL A 151 13.77 31.02 -2.13
CA VAL A 151 12.61 30.46 -2.81
C VAL A 151 11.57 30.03 -1.79
N TYR A 152 11.99 29.82 -0.55
CA TYR A 152 11.12 29.32 0.51
C TYR A 152 11.02 30.30 1.68
N ALA A 153 11.55 31.49 1.49
CA ALA A 153 11.38 32.57 2.44
C ALA A 153 9.95 32.61 3.02
N GLY A 154 9.88 32.47 4.35
CA GLY A 154 8.65 32.69 5.11
C GLY A 154 7.77 31.45 5.12
N GLN A 155 8.34 30.31 4.72
CA GLN A 155 7.71 29.00 4.88
C GLN A 155 8.51 28.23 5.94
N THR A 156 7.95 27.13 6.44
CA THR A 156 8.59 26.48 7.59
C THR A 156 9.19 25.19 7.11
N TYR A 157 10.47 24.97 7.42
CA TYR A 157 11.17 23.75 7.06
C TYR A 157 12.33 23.51 7.99
N THR A 158 12.86 22.31 8.02
CA THR A 158 14.05 22.03 8.78
C THR A 158 15.33 22.01 7.92
N ASN A 159 15.20 21.71 6.63
CA ASN A 159 16.35 21.62 5.73
C ASN A 159 16.03 22.22 4.36
N GLN A 160 16.97 22.94 3.77
CA GLN A 160 16.79 23.49 2.42
C GLN A 160 18.04 23.31 1.62
N ALA A 161 17.96 22.53 0.55
CA ALA A 161 19.18 22.14 -0.15
C ALA A 161 19.09 22.41 -1.63
N GLU A 162 20.25 22.30 -2.28
CA GLU A 162 20.39 22.55 -3.70
C GLU A 162 20.68 21.22 -4.31
N TRP A 163 19.76 20.80 -5.16
CA TRP A 163 19.87 19.52 -5.85
C TRP A 163 20.07 19.77 -7.32
N SER A 164 20.32 18.69 -8.05
CA SER A 164 21.06 18.78 -9.29
C SER A 164 20.27 19.38 -10.43
N GLY A 165 20.99 19.62 -11.52
CA GLY A 165 20.47 20.26 -12.69
C GLY A 165 21.51 20.43 -13.77
N SER A 166 21.51 21.64 -14.38
CA SER A 166 22.45 21.99 -15.46
C SER A 166 22.91 23.46 -15.41
N SER A 167 24.03 23.71 -16.08
CA SER A 167 24.58 25.07 -16.24
C SER A 167 24.75 25.39 -17.73
N ARG A 168 24.02 26.37 -18.21
CA ARG A 168 24.01 26.65 -19.61
C ARG A 168 24.74 27.94 -19.96
N LEU A 169 25.72 27.82 -20.85
CA LEU A 169 26.43 28.96 -21.37
C LEU A 169 25.50 29.72 -22.30
N MET A 170 25.00 30.87 -21.86
CA MET A 170 23.98 31.55 -22.65
C MET A 170 24.58 32.19 -23.90
N GLN A 171 25.76 32.77 -23.75
CA GLN A 171 26.53 33.36 -24.84
C GLN A 171 27.75 32.47 -25.13
N ILE A 172 27.72 31.80 -26.28
CA ILE A 172 28.81 30.93 -26.73
C ILE A 172 30.22 31.56 -26.58
N HIS A 173 30.38 32.85 -26.93
CA HIS A 173 31.62 33.58 -26.60
C HIS A 173 31.41 34.78 -25.64
N GLY A 174 30.47 34.65 -24.69
CA GLY A 174 30.32 35.61 -23.58
C GLY A 174 30.55 34.90 -22.25
N ASN A 175 29.93 35.42 -21.19
CA ASN A 175 30.07 34.84 -19.83
C ASN A 175 28.78 34.64 -19.01
N THR A 176 27.62 34.76 -19.64
CA THR A 176 26.39 34.65 -18.89
C THR A 176 26.10 33.18 -18.79
N VAL A 177 25.93 32.68 -17.56
CA VAL A 177 25.42 31.33 -17.40
C VAL A 177 24.13 31.34 -16.59
N SER A 178 23.19 30.52 -17.03
CA SER A 178 21.91 30.30 -16.38
C SER A 178 22.03 28.94 -15.75
N VAL A 179 21.97 28.87 -14.43
CA VAL A 179 21.98 27.59 -13.76
C VAL A 179 20.57 27.18 -13.47
N PHE A 180 20.17 26.03 -14.00
CA PHE A 180 18.89 25.42 -13.65
C PHE A 180 19.22 24.32 -12.65
N TYR A 181 18.47 24.28 -11.56
CA TYR A 181 18.69 23.30 -10.51
C TYR A 181 17.39 23.08 -9.75
N THR A 182 17.43 22.11 -8.86
CA THR A 182 16.26 21.71 -8.11
C THR A 182 16.41 22.25 -6.68
N ASP A 183 15.57 23.23 -6.33
CA ASP A 183 15.65 23.84 -5.02
C ASP A 183 14.68 23.13 -4.12
N VAL A 184 15.20 22.31 -3.20
CA VAL A 184 14.33 21.47 -2.35
C VAL A 184 14.27 21.98 -0.92
N ALA A 185 13.16 21.72 -0.24
CA ALA A 185 13.01 22.02 1.19
C ALA A 185 12.37 20.81 1.91
N PHE A 186 12.74 20.60 3.15
CA PHE A 186 12.25 19.47 3.95
C PHE A 186 11.81 19.91 5.33
N ASN A 187 10.80 19.22 5.84
CA ASN A 187 10.30 19.45 7.18
C ASN A 187 10.22 18.08 7.88
N ARG A 188 11.38 17.65 8.40
CA ARG A 188 11.56 16.39 9.08
C ARG A 188 11.38 16.51 10.59
N ASP A 189 10.82 15.48 11.18
CA ASP A 189 10.69 15.38 12.63
C ASP A 189 11.94 14.70 13.20
N ALA A 190 11.89 14.34 14.48
CA ALA A 190 13.07 13.84 15.19
C ALA A 190 13.57 12.52 14.65
N ASN A 191 12.71 11.76 13.96
CA ASN A 191 13.13 10.51 13.34
C ASN A 191 13.34 10.63 11.82
N ALA A 192 13.59 11.84 11.34
CA ALA A 192 13.74 12.14 9.89
C ALA A 192 12.51 11.86 9.02
N ASN A 193 11.31 11.75 9.62
CA ASN A 193 10.06 11.58 8.86
C ASN A 193 9.44 12.95 8.57
N ASN A 194 8.83 13.10 7.40
CA ASN A 194 8.27 14.39 7.01
C ASN A 194 6.98 14.68 7.77
N ILE A 195 6.95 15.70 8.61
CA ILE A 195 5.65 16.11 9.14
C ILE A 195 4.85 16.77 8.04
N THR A 196 5.56 17.21 7.01
CA THR A 196 4.98 17.99 5.95
C THR A 196 5.72 17.54 4.68
N PRO A 197 5.03 17.46 3.54
CA PRO A 197 5.66 16.82 2.36
C PRO A 197 6.82 17.67 1.83
N PRO A 198 7.91 17.06 1.35
CA PRO A 198 9.02 17.84 0.83
C PRO A 198 8.59 18.70 -0.34
N GLN A 199 9.35 19.76 -0.61
CA GLN A 199 9.12 20.60 -1.77
C GLN A 199 10.33 20.50 -2.71
N ALA A 200 10.06 20.26 -3.99
CA ALA A 200 11.06 20.43 -5.04
C ALA A 200 10.54 21.46 -6.05
N ILE A 201 11.34 22.50 -6.27
CA ILE A 201 11.07 23.51 -7.27
C ILE A 201 12.23 23.69 -8.25
N ILE A 202 11.95 23.49 -9.52
CA ILE A 202 12.89 23.74 -10.60
C ILE A 202 13.02 25.25 -10.80
N THR A 203 14.28 25.69 -10.70
CA THR A 203 14.65 27.07 -10.46
C THR A 203 15.74 27.51 -11.42
N GLN A 204 15.63 28.75 -11.91
CA GLN A 204 16.72 29.33 -12.66
C GLN A 204 17.41 30.36 -11.83
N THR A 205 18.74 30.30 -11.80
CA THR A 205 19.47 31.51 -11.44
C THR A 205 20.53 31.93 -12.48
N LEU A 206 20.44 33.17 -12.94
CA LEU A 206 21.43 33.76 -13.87
C LEU A 206 22.60 34.32 -13.11
N GLY A 207 23.79 34.11 -13.67
CA GLY A 207 25.05 34.58 -13.06
C GLY A 207 26.11 34.70 -14.11
N ARG A 208 27.24 35.29 -13.78
CA ARG A 208 28.32 35.40 -14.75
C ARG A 208 29.57 34.63 -14.31
N ILE A 209 30.17 33.89 -15.22
CA ILE A 209 31.48 33.29 -14.94
C ILE A 209 32.65 34.25 -15.15
N HIS A 210 33.71 34.11 -14.33
CA HIS A 210 34.97 34.85 -14.53
C HIS A 210 36.23 34.03 -14.40
N ALA A 211 37.29 34.46 -15.08
CA ALA A 211 38.62 33.83 -14.96
C ALA A 211 39.77 34.74 -15.32
N ASP A 212 40.82 34.69 -14.50
CA ASP A 212 42.04 35.40 -14.74
C ASP A 212 43.04 34.31 -15.11
N PHE A 213 44.29 34.43 -14.66
CA PHE A 213 45.31 33.46 -14.96
C PHE A 213 45.32 32.27 -14.00
N ASN A 214 44.93 32.56 -12.73
CA ASN A 214 45.07 31.59 -11.65
C ASN A 214 43.83 30.79 -11.26
N HIS A 215 42.64 31.20 -11.69
CA HIS A 215 41.54 31.16 -10.74
C HIS A 215 40.19 31.51 -11.39
N VAL A 216 39.17 30.69 -11.11
CA VAL A 216 37.84 30.86 -11.67
C VAL A 216 36.87 31.29 -10.58
N TRP A 217 35.86 32.07 -10.96
CA TRP A 217 34.88 32.52 -10.01
C TRP A 217 33.63 33.04 -10.71
N PHE A 218 32.61 33.31 -9.91
CA PHE A 218 31.30 33.66 -10.43
C PHE A 218 30.82 34.94 -9.79
N THR A 219 29.74 35.48 -10.37
CA THR A 219 29.07 36.67 -9.93
C THR A 219 27.62 36.45 -10.25
N GLY A 220 26.75 37.22 -9.61
CA GLY A 220 25.32 37.04 -9.79
C GLY A 220 24.87 35.86 -8.94
N PHE A 221 23.93 35.10 -9.44
CA PHE A 221 23.29 34.06 -8.66
C PHE A 221 22.60 34.53 -7.40
N THR A 222 22.14 35.77 -7.42
CA THR A 222 21.41 36.32 -6.30
C THR A 222 19.91 36.22 -6.55
N ALA A 223 19.52 36.11 -7.83
CA ALA A 223 18.10 36.02 -8.18
C ALA A 223 17.76 34.58 -8.51
N HIS A 224 16.91 33.97 -7.69
CA HIS A 224 16.48 32.57 -7.92
C HIS A 224 14.97 32.46 -8.27
N THR A 225 14.73 32.28 -9.56
CA THR A 225 13.39 32.28 -10.12
C THR A 225 12.77 30.89 -10.18
N PRO A 226 11.73 30.61 -9.39
CA PRO A 226 10.89 29.43 -9.62
C PRO A 226 10.38 29.35 -11.04
N LEU A 227 10.72 28.26 -11.71
CA LEU A 227 10.32 28.00 -13.08
C LEU A 227 9.11 27.09 -13.14
N LEU A 228 9.27 25.90 -12.56
CA LEU A 228 8.23 24.90 -12.55
C LEU A 228 8.13 24.24 -11.17
N GLN A 229 6.90 23.92 -10.76
CA GLN A 229 6.70 22.97 -9.67
C GLN A 229 5.54 22.05 -10.03
N PRO A 230 5.47 20.86 -9.46
CA PRO A 230 4.53 19.88 -9.97
C PRO A 230 3.12 20.38 -9.81
N ASP A 231 2.28 20.07 -10.79
CA ASP A 231 0.95 20.64 -10.89
C ASP A 231 -0.07 19.63 -10.41
N GLY A 232 0.33 18.38 -10.25
CA GLY A 232 -0.57 17.35 -9.81
C GLY A 232 -1.52 16.90 -10.91
N VAL A 233 -1.27 17.27 -12.17
CA VAL A 233 -2.09 16.79 -13.29
C VAL A 233 -1.27 16.20 -14.42
N LEU A 234 -0.16 16.81 -14.79
CA LEU A 234 0.86 16.09 -15.61
C LEU A 234 1.95 15.50 -14.74
N TYR A 235 2.34 16.20 -13.68
CA TYR A 235 3.44 15.74 -12.80
C TYR A 235 3.03 15.63 -11.30
N GLN A 236 3.38 14.48 -10.72
CA GLN A 236 2.94 14.21 -9.35
C GLN A 236 3.55 15.24 -8.37
N ASN A 237 2.76 15.62 -7.37
CA ASN A 237 3.16 16.58 -6.34
C ASN A 237 3.17 15.92 -4.98
N GLY A 238 3.63 16.70 -3.99
CA GLY A 238 3.82 16.23 -2.62
C GLY A 238 2.56 15.90 -1.87
N ALA A 239 1.52 16.72 -2.09
CA ALA A 239 0.19 16.43 -1.56
C ALA A 239 -0.30 15.03 -2.00
N GLN A 240 0.01 14.65 -3.24
CA GLN A 240 -0.40 13.37 -3.83
C GLN A 240 0.46 12.18 -3.36
N ASN A 241 1.74 12.44 -3.20
CA ASN A 241 2.70 11.42 -2.82
C ASN A 241 3.84 12.15 -2.13
N GLU A 242 3.92 12.04 -0.82
CA GLU A 242 5.07 12.62 -0.11
C GLU A 242 6.44 12.12 -0.62
N PHE A 243 6.49 11.02 -1.36
CA PHE A 243 7.77 10.56 -1.90
C PHE A 243 7.95 10.89 -3.37
N PHE A 244 7.18 11.85 -3.86
CA PHE A 244 7.19 12.20 -5.27
C PHE A 244 8.58 12.63 -5.68
N ASN A 245 8.95 12.32 -6.92
CA ASN A 245 10.15 12.82 -7.53
C ASN A 245 9.83 14.00 -8.49
N PHE A 246 10.65 15.04 -8.42
CA PHE A 246 10.57 16.13 -9.37
C PHE A 246 11.89 16.91 -9.34
N ARG A 247 12.74 16.73 -10.36
CA ARG A 247 14.09 17.28 -10.31
C ARG A 247 14.86 17.09 -11.60
N ASP A 248 16.12 17.55 -11.59
CA ASP A 248 17.10 17.31 -12.63
C ASP A 248 16.73 17.95 -13.96
N PRO A 249 16.66 19.28 -14.00
CA PRO A 249 16.37 20.00 -15.24
C PRO A 249 17.56 20.04 -16.21
N PHE A 250 17.29 19.69 -17.46
CA PHE A 250 18.25 19.73 -18.55
C PHE A 250 17.57 20.51 -19.68
N THR A 251 18.19 21.59 -20.14
CA THR A 251 17.62 22.38 -21.28
C THR A 251 18.43 22.29 -22.57
N PHE A 252 17.76 22.54 -23.68
CA PHE A 252 18.36 22.49 -24.98
C PHE A 252 17.49 23.19 -25.99
N GLU A 253 18.12 23.68 -27.05
CA GLU A 253 17.45 24.31 -28.15
C GLU A 253 17.02 23.22 -29.11
N ASP A 254 15.75 23.24 -29.52
CA ASP A 254 15.28 22.29 -30.52
C ASP A 254 16.23 22.38 -31.70
N PRO A 255 17.02 21.34 -31.93
CA PRO A 255 17.97 21.36 -33.04
C PRO A 255 17.34 21.76 -34.38
N LYS A 256 16.14 21.26 -34.70
CA LYS A 256 15.51 21.65 -35.96
C LYS A 256 14.82 23.04 -35.90
N HIS A 257 14.80 23.69 -34.74
CA HIS A 257 14.13 24.99 -34.60
C HIS A 257 14.87 25.92 -33.63
N PRO A 258 15.67 26.81 -34.19
CA PRO A 258 16.42 27.77 -33.37
C PRO A 258 15.45 28.73 -32.68
N GLY A 259 15.83 29.16 -31.47
CA GLY A 259 14.92 29.93 -30.62
C GLY A 259 14.07 29.11 -29.65
N VAL A 260 13.52 27.97 -30.04
CA VAL A 260 12.60 27.31 -29.15
C VAL A 260 13.36 26.37 -28.22
N ASN A 261 13.12 26.55 -26.93
CA ASN A 261 13.81 25.78 -25.92
C ASN A 261 12.92 24.84 -25.16
N TYR A 262 13.49 23.70 -24.83
CA TYR A 262 12.84 22.68 -24.08
C TYR A 262 13.66 22.30 -22.89
N MET A 263 13.01 21.55 -22.01
CA MET A 263 13.65 21.10 -20.81
C MET A 263 13.13 19.72 -20.51
N VAL A 264 13.98 18.87 -19.98
CA VAL A 264 13.56 17.53 -19.71
C VAL A 264 13.92 17.31 -18.22
N PHE A 265 13.12 16.59 -17.45
CA PHE A 265 13.34 16.55 -16.00
C PHE A 265 12.68 15.33 -15.44
N GLU A 266 13.09 14.89 -14.25
CA GLU A 266 12.51 13.71 -13.60
C GLU A 266 11.12 14.06 -13.02
N GLY A 267 10.18 13.14 -13.16
CA GLY A 267 8.89 13.33 -12.55
C GLY A 267 8.27 12.02 -12.15
N ASN A 268 7.01 12.09 -11.74
CA ASN A 268 6.21 10.91 -11.58
C ASN A 268 4.88 11.20 -12.18
N THR A 269 4.26 10.14 -12.65
CA THR A 269 2.95 10.18 -13.22
C THR A 269 2.03 10.70 -12.14
N ALA A 270 1.33 11.80 -12.45
CA ALA A 270 0.39 12.43 -11.56
C ALA A 270 -0.67 11.52 -11.00
N GLY A 271 -1.11 11.89 -9.81
CA GLY A 271 -2.18 11.26 -9.08
C GLY A 271 -1.70 10.81 -7.71
N GLN A 272 -2.67 10.34 -6.93
CA GLN A 272 -2.52 10.02 -5.52
C GLN A 272 -1.69 8.75 -5.49
N ARG A 273 -0.74 8.71 -4.58
CA ARG A 273 0.01 7.50 -4.36
C ARG A 273 -0.93 6.32 -4.08
N GLY A 274 -0.51 5.13 -4.54
CA GLY A 274 -1.20 3.88 -4.26
C GLY A 274 -2.48 3.63 -5.05
N VAL A 275 -2.83 4.50 -5.99
CA VAL A 275 -3.97 4.26 -6.88
C VAL A 275 -3.52 3.20 -7.89
N ALA A 276 -4.31 2.16 -8.07
CA ALA A 276 -3.88 0.99 -8.88
C ALA A 276 -4.43 1.09 -10.30
N ASN A 277 -3.95 2.12 -11.02
CA ASN A 277 -4.49 2.58 -12.31
C ASN A 277 -3.56 2.34 -13.55
N CYS A 278 -2.61 1.42 -13.44
CA CYS A 278 -1.84 0.97 -14.60
C CYS A 278 -2.67 0.20 -15.60
N THR A 279 -2.32 0.35 -16.89
CA THR A 279 -3.11 -0.19 -17.98
C THR A 279 -2.35 -1.20 -18.80
N GLU A 280 -3.09 -1.90 -19.63
CA GLU A 280 -2.53 -2.90 -20.55
C GLU A 280 -1.41 -2.32 -21.41
N ALA A 281 -1.53 -1.04 -21.75
CA ALA A 281 -0.46 -0.29 -22.40
C ALA A 281 0.85 -0.15 -21.58
N ASP A 282 0.76 0.00 -20.26
CA ASP A 282 1.98 0.03 -19.43
C ASP A 282 2.61 -1.39 -19.40
N LEU A 283 1.79 -2.42 -19.54
CA LEU A 283 2.32 -3.76 -19.68
C LEU A 283 2.91 -4.02 -21.10
N GLY A 284 2.20 -3.53 -22.11
CA GLY A 284 2.67 -3.51 -23.50
C GLY A 284 3.04 -4.82 -24.17
N PHE A 285 2.40 -5.91 -23.78
CA PHE A 285 2.65 -7.22 -24.39
C PHE A 285 2.01 -7.29 -25.76
N ARG A 286 2.66 -8.04 -26.65
CA ARG A 286 2.12 -8.25 -27.96
C ARG A 286 1.03 -9.31 -27.86
N PRO A 287 0.02 -9.19 -28.73
CA PRO A 287 -1.14 -10.07 -28.68
C PRO A 287 -0.79 -11.56 -28.68
N ASN A 288 -1.44 -12.31 -27.79
CA ASN A 288 -1.35 -13.78 -27.72
C ASN A 288 0.01 -14.32 -27.35
N ASP A 289 0.85 -13.49 -26.76
CA ASP A 289 2.16 -13.89 -26.30
C ASP A 289 1.95 -14.93 -25.21
N PRO A 290 2.55 -16.10 -25.31
CA PRO A 290 2.36 -17.11 -24.26
C PRO A 290 2.87 -16.70 -22.87
N ASN A 291 3.78 -15.73 -22.79
CA ASN A 291 4.45 -15.38 -21.54
C ASN A 291 4.04 -14.02 -21.01
N ALA A 292 2.95 -13.48 -21.52
CA ALA A 292 2.46 -12.19 -21.04
C ALA A 292 1.95 -12.31 -19.61
N GLU A 293 1.92 -11.21 -18.89
CA GLU A 293 1.30 -11.16 -17.55
C GLU A 293 -0.07 -10.51 -17.70
N THR A 294 -0.99 -10.83 -16.80
CA THR A 294 -2.27 -10.12 -16.77
C THR A 294 -2.08 -8.81 -16.04
N LEU A 295 -2.94 -7.86 -16.34
CA LEU A 295 -2.99 -6.62 -15.60
C LEU A 295 -3.32 -6.90 -14.13
N GLN A 296 -4.21 -7.86 -13.87
CA GLN A 296 -4.60 -8.16 -12.50
C GLN A 296 -3.41 -8.70 -11.70
N GLU A 297 -2.61 -9.62 -12.26
CA GLU A 297 -1.37 -10.08 -11.58
C GLU A 297 -0.44 -8.93 -11.19
N VAL A 298 -0.19 -8.03 -12.13
CA VAL A 298 0.79 -6.97 -11.97
C VAL A 298 0.35 -6.02 -10.87
N LEU A 299 -0.88 -5.54 -10.99
CA LEU A 299 -1.54 -4.80 -9.91
C LEU A 299 -1.50 -5.45 -8.52
N ASP A 300 -2.03 -6.66 -8.39
CA ASP A 300 -1.93 -7.45 -7.14
C ASP A 300 -0.54 -7.46 -6.51
N SER A 301 0.49 -7.34 -7.34
CA SER A 301 1.90 -7.40 -6.93
C SER A 301 2.43 -6.07 -6.42
N GLY A 302 1.68 -4.98 -6.57
CA GLY A 302 2.09 -3.70 -6.06
C GLY A 302 2.85 -2.82 -7.02
N ALA A 303 3.06 -3.29 -8.23
CA ALA A 303 3.82 -2.54 -9.22
C ALA A 303 3.29 -1.10 -9.46
N TYR A 304 2.02 -0.85 -9.17
CA TYR A 304 1.41 0.49 -9.39
C TYR A 304 2.05 1.58 -8.52
N TYR A 305 2.88 1.17 -7.55
CA TYR A 305 3.67 2.09 -6.75
C TYR A 305 4.87 2.69 -7.47
N GLN A 306 5.19 2.20 -8.67
CA GLN A 306 6.37 2.66 -9.40
C GLN A 306 5.86 3.43 -10.63
N LYS A 307 6.07 4.74 -10.68
CA LYS A 307 5.36 5.53 -11.65
C LYS A 307 6.14 6.72 -12.16
N ALA A 308 7.33 6.40 -12.64
CA ALA A 308 8.28 7.40 -13.08
C ALA A 308 7.81 8.01 -14.40
N ASN A 309 8.11 9.30 -14.58
CA ASN A 309 8.19 9.77 -15.89
C ASN A 309 9.43 10.63 -16.14
N ILE A 310 9.64 10.89 -17.41
CA ILE A 310 10.58 11.92 -17.84
C ILE A 310 9.70 12.98 -18.44
N GLY A 311 9.86 14.18 -17.92
CA GLY A 311 8.93 15.25 -18.28
C GLY A 311 9.47 16.16 -19.35
N LEU A 312 8.59 16.98 -19.92
CA LEU A 312 9.00 17.96 -20.89
C LEU A 312 8.40 19.27 -20.48
N ALA A 313 9.11 20.37 -20.77
CA ALA A 313 8.58 21.72 -20.67
C ALA A 313 9.21 22.60 -21.75
N ILE A 314 8.59 23.73 -22.06
CA ILE A 314 9.06 24.61 -23.12
C ILE A 314 9.20 26.06 -22.63
N ALA A 315 10.27 26.75 -23.01
CA ALA A 315 10.49 28.09 -22.51
C ALA A 315 9.52 28.99 -23.23
N THR A 316 8.92 29.91 -22.51
CA THR A 316 7.90 30.75 -23.10
C THR A 316 8.48 32.05 -23.63
N ASP A 317 9.79 32.22 -23.52
CA ASP A 317 10.53 33.29 -24.20
C ASP A 317 12.07 33.03 -24.22
N SER A 318 12.80 34.09 -24.58
CA SER A 318 14.24 34.05 -24.84
C SER A 318 15.09 33.87 -23.60
N THR A 319 14.61 34.35 -22.47
CA THR A 319 15.43 34.34 -21.25
C THR A 319 15.52 33.01 -20.52
N LEU A 320 14.70 32.03 -20.85
CA LEU A 320 14.66 30.79 -20.06
C LEU A 320 14.28 31.03 -18.59
N SER A 321 13.55 32.10 -18.30
CA SER A 321 13.16 32.39 -16.93
C SER A 321 11.74 31.93 -16.70
N LYS A 322 11.08 31.43 -17.75
CA LYS A 322 9.65 31.10 -17.72
C LYS A 322 9.29 29.89 -18.56
N TRP A 323 8.45 29.01 -18.05
CA TRP A 323 8.25 27.73 -18.71
C TRP A 323 6.83 27.23 -18.54
N LYS A 324 6.40 26.44 -19.52
CA LYS A 324 5.09 25.81 -19.57
C LYS A 324 5.36 24.26 -19.55
N PHE A 325 4.67 23.52 -18.70
CA PHE A 325 4.68 22.06 -18.78
C PHE A 325 4.07 21.58 -20.09
N LEU A 326 4.57 20.44 -20.55
CA LEU A 326 4.02 19.69 -21.69
C LEU A 326 3.84 18.24 -21.24
N SER A 327 3.15 17.43 -22.03
CA SER A 327 2.90 16.06 -21.62
C SER A 327 4.24 15.35 -21.40
N PRO A 328 4.34 14.42 -20.49
CA PRO A 328 5.62 13.71 -20.33
C PRO A 328 6.09 13.01 -21.60
N LEU A 329 7.40 12.83 -21.70
CA LEU A 329 8.00 12.15 -22.85
C LEU A 329 7.89 10.64 -22.72
N ILE A 330 8.20 10.15 -21.53
CA ILE A 330 8.26 8.71 -21.28
C ILE A 330 7.69 8.41 -19.91
N SER A 331 6.80 7.45 -19.81
CA SER A 331 6.35 7.00 -18.51
C SER A 331 6.90 5.59 -18.25
N ALA A 332 6.94 5.17 -17.00
CA ALA A 332 7.45 3.81 -16.65
C ALA A 332 6.60 3.22 -15.55
N ASN A 333 5.30 3.53 -15.63
CA ASN A 333 4.28 2.93 -14.82
C ASN A 333 4.40 1.43 -14.78
N CYS A 334 4.47 0.92 -13.56
CA CYS A 334 4.49 -0.49 -13.28
C CYS A 334 5.84 -1.05 -13.69
N VAL A 335 6.80 -0.17 -13.94
CA VAL A 335 8.14 -0.59 -14.29
C VAL A 335 9.21 -0.03 -13.35
N ASN A 336 9.20 1.28 -13.13
CA ASN A 336 10.21 1.86 -12.26
C ASN A 336 9.76 3.18 -11.68
N ASP A 337 10.12 3.42 -10.43
CA ASP A 337 9.76 4.67 -9.82
C ASP A 337 10.73 5.80 -10.14
N GLN A 338 11.98 5.46 -10.51
CA GLN A 338 12.97 6.53 -10.72
C GLN A 338 13.66 6.51 -12.08
N THR A 339 13.41 7.58 -12.82
CA THR A 339 14.14 7.86 -14.05
C THR A 339 14.80 9.23 -13.91
N GLU A 340 16.04 9.19 -13.41
CA GLU A 340 16.70 10.38 -12.94
C GLU A 340 17.61 10.91 -13.96
N ARG A 341 17.76 12.23 -13.96
CA ARG A 341 18.76 12.90 -14.82
C ARG A 341 18.53 12.69 -16.30
N PRO A 342 17.30 12.79 -16.73
CA PRO A 342 17.03 12.73 -18.14
C PRO A 342 17.91 13.73 -18.93
N GLN A 343 18.38 13.29 -20.08
CA GLN A 343 18.99 14.17 -21.05
C GLN A 343 18.55 13.69 -22.40
N VAL A 344 18.28 14.61 -23.32
CA VAL A 344 18.20 14.27 -24.74
C VAL A 344 19.60 14.42 -25.29
N TYR A 345 19.94 13.57 -26.22
CA TYR A 345 21.31 13.48 -26.70
C TYR A 345 21.23 13.18 -28.18
N LEU A 346 21.89 13.99 -29.00
CA LEU A 346 21.86 13.73 -30.45
C LEU A 346 23.03 12.87 -30.91
N HIS A 347 22.73 11.87 -31.74
CA HIS A 347 23.78 11.04 -32.31
C HIS A 347 23.29 10.44 -33.62
N ASN A 348 24.07 10.67 -34.68
CA ASN A 348 23.73 10.16 -35.99
C ASN A 348 22.32 10.55 -36.44
N GLY A 349 21.98 11.82 -36.19
CA GLY A 349 20.66 12.36 -36.57
C GLY A 349 19.49 11.70 -35.87
N LYS A 350 19.71 11.10 -34.69
CA LYS A 350 18.62 10.51 -33.92
C LYS A 350 18.58 11.17 -32.56
N TYR A 351 17.53 10.87 -31.82
CA TYR A 351 17.33 11.45 -30.50
C TYR A 351 17.38 10.34 -29.46
N TYR A 352 18.24 10.50 -28.46
CA TYR A 352 18.42 9.52 -27.40
C TYR A 352 18.04 10.15 -26.10
N ILE A 353 17.15 9.53 -25.34
CA ILE A 353 16.89 9.94 -23.97
C ILE A 353 17.74 9.03 -23.09
N PHE A 354 18.64 9.61 -22.33
CA PHE A 354 19.33 8.84 -21.35
C PHE A 354 18.82 9.28 -19.97
N THR A 355 18.75 8.33 -19.07
CA THR A 355 18.31 8.54 -17.71
C THR A 355 18.90 7.40 -16.88
N ILE A 356 19.04 7.61 -15.58
CA ILE A 356 19.62 6.60 -14.69
C ILE A 356 18.56 6.09 -13.73
N SER A 357 18.77 4.87 -13.23
CA SER A 357 17.87 4.30 -12.25
C SER A 357 18.56 3.30 -11.36
N HIS A 358 17.79 2.93 -10.33
CA HIS A 358 18.20 2.08 -9.28
C HIS A 358 17.54 0.73 -9.49
N ARG A 359 18.29 -0.33 -9.23
CA ARG A 359 17.73 -1.66 -9.14
C ARG A 359 16.54 -1.72 -8.21
N THR A 360 16.66 -1.15 -7.02
CA THR A 360 15.54 -1.19 -6.06
C THR A 360 14.42 -0.12 -6.32
N THR A 361 14.45 0.63 -7.41
CA THR A 361 13.21 1.31 -7.74
C THR A 361 12.42 0.61 -8.83
N PHE A 362 12.92 -0.52 -9.36
CA PHE A 362 12.11 -1.32 -10.29
C PHE A 362 10.85 -1.87 -9.58
N ALA A 363 9.76 -2.05 -10.34
CA ALA A 363 8.51 -2.63 -9.81
C ALA A 363 8.68 -4.12 -9.59
N ALA A 364 7.78 -4.72 -8.81
CA ALA A 364 7.82 -6.18 -8.55
C ALA A 364 7.83 -7.06 -9.80
N GLY A 365 8.75 -8.02 -9.86
CA GLY A 365 8.87 -8.91 -11.04
C GLY A 365 9.57 -8.29 -12.24
N VAL A 366 9.96 -7.03 -12.17
CA VAL A 366 10.92 -6.45 -13.14
C VAL A 366 12.21 -6.19 -12.39
N ASP A 367 13.34 -6.37 -13.06
CA ASP A 367 14.64 -6.40 -12.38
C ASP A 367 15.71 -5.87 -13.30
N GLY A 368 16.63 -5.08 -12.74
CA GLY A 368 17.77 -4.56 -13.51
C GLY A 368 18.79 -3.84 -12.65
N PRO A 369 19.98 -3.57 -13.18
CA PRO A 369 21.01 -2.89 -12.41
C PRO A 369 20.78 -1.40 -12.17
N ASP A 370 21.51 -0.87 -11.18
CA ASP A 370 21.74 0.57 -11.09
C ASP A 370 22.60 0.87 -12.32
N GLY A 371 22.27 1.94 -13.03
CA GLY A 371 23.14 2.42 -14.08
C GLY A 371 22.36 3.26 -15.05
N VAL A 372 22.77 3.26 -16.32
CA VAL A 372 22.17 4.17 -17.31
C VAL A 372 21.25 3.38 -18.26
N TYR A 373 20.06 3.94 -18.45
CA TYR A 373 19.01 3.40 -19.29
C TYR A 373 18.78 4.38 -20.44
N GLY A 374 18.39 3.85 -21.59
CA GLY A 374 18.42 4.58 -22.85
C GLY A 374 17.27 4.30 -23.81
N PHE A 375 16.87 5.33 -24.56
CA PHE A 375 15.75 5.25 -25.46
C PHE A 375 16.12 6.00 -26.73
N VAL A 376 15.72 5.48 -27.89
CA VAL A 376 16.01 6.16 -29.16
C VAL A 376 14.76 6.41 -29.97
N GLY A 377 14.74 7.50 -30.72
CA GLY A 377 13.61 7.84 -31.61
C GLY A 377 13.98 8.87 -32.62
N ASP A 378 13.00 9.33 -33.40
CA ASP A 378 13.21 10.24 -34.53
C ASP A 378 12.99 11.71 -34.16
N GLY A 379 12.66 11.96 -32.90
CA GLY A 379 12.36 13.32 -32.44
C GLY A 379 12.44 13.46 -30.95
N ILE A 380 12.24 14.69 -30.49
CA ILE A 380 12.21 15.02 -29.07
C ILE A 380 11.13 14.20 -28.37
N ARG A 381 9.94 14.19 -28.97
CA ARG A 381 8.83 13.39 -28.50
C ARG A 381 8.65 12.33 -29.55
N SER A 382 8.97 11.10 -29.19
CA SER A 382 8.94 9.99 -30.09
C SER A 382 8.24 8.85 -29.40
N ASP A 383 7.80 7.86 -30.18
CA ASP A 383 7.48 6.54 -29.65
C ASP A 383 8.83 5.83 -29.38
N PHE A 384 9.50 6.26 -28.32
CA PHE A 384 10.87 5.84 -28.05
C PHE A 384 11.03 4.32 -27.96
N GLN A 385 12.11 3.83 -28.56
CA GLN A 385 12.52 2.46 -28.48
C GLN A 385 13.57 2.34 -27.41
N PRO A 386 13.25 1.65 -26.32
CA PRO A 386 14.29 1.25 -25.35
C PRO A 386 15.43 0.56 -26.05
N MET A 387 16.65 0.93 -25.67
CA MET A 387 17.91 0.39 -26.19
C MET A 387 18.24 -1.01 -25.69
N ASN A 388 18.96 -1.76 -26.53
CA ASN A 388 19.48 -3.12 -26.25
C ASN A 388 18.47 -4.22 -25.92
N TYR A 389 18.17 -5.06 -26.92
CA TYR A 389 17.21 -6.14 -26.81
C TYR A 389 15.82 -5.62 -26.51
N GLY A 390 15.57 -4.33 -26.82
CA GLY A 390 14.34 -3.69 -26.42
C GLY A 390 14.16 -3.43 -24.92
N SER A 391 15.25 -3.49 -24.15
CA SER A 391 15.22 -3.43 -22.68
C SER A 391 15.28 -2.04 -22.01
N GLY A 392 15.94 -1.10 -22.67
CA GLY A 392 16.27 0.18 -22.06
C GLY A 392 17.64 0.21 -21.40
N LEU A 393 18.23 -0.95 -21.10
CA LEU A 393 19.54 -0.96 -20.42
C LEU A 393 20.65 -0.56 -21.39
N THR A 394 21.40 0.47 -21.00
CA THR A 394 22.61 0.90 -21.70
C THR A 394 23.91 0.51 -20.98
N MET A 395 24.01 0.80 -19.69
CA MET A 395 25.21 0.48 -18.95
C MET A 395 24.92 0.33 -17.46
N GLY A 396 24.97 -0.90 -16.99
CA GLY A 396 24.74 -1.16 -15.59
C GLY A 396 26.05 -1.35 -14.90
N ASN A 397 26.04 -1.09 -13.59
CA ASN A 397 27.10 -1.56 -12.72
C ASN A 397 27.13 -3.08 -12.71
N PRO A 398 28.30 -3.67 -12.50
CA PRO A 398 28.41 -5.15 -12.44
C PRO A 398 27.51 -5.70 -11.32
N THR A 399 26.56 -6.54 -11.69
CA THR A 399 25.50 -6.96 -10.78
C THR A 399 25.18 -8.43 -11.04
N ASP A 400 24.99 -9.21 -9.98
CA ASP A 400 24.37 -10.52 -10.09
C ASP A 400 22.85 -10.28 -9.91
N LEU A 401 22.07 -10.49 -10.97
CA LEU A 401 20.63 -10.24 -10.88
C LEU A 401 19.94 -11.44 -10.29
N ASN A 402 20.67 -12.54 -10.22
CA ASN A 402 20.11 -13.77 -9.69
C ASN A 402 20.04 -13.74 -8.17
N THR A 403 20.86 -12.91 -7.53
CA THR A 403 20.89 -12.83 -6.07
C THR A 403 20.40 -11.46 -5.61
N ALA A 404 20.09 -11.37 -4.30
CA ALA A 404 19.51 -10.22 -3.66
C ALA A 404 20.45 -9.03 -3.74
N ALA A 405 19.83 -7.84 -3.90
CA ALA A 405 20.49 -6.59 -4.25
C ALA A 405 21.30 -5.90 -3.16
N GLY A 406 20.72 -5.86 -1.96
CA GLY A 406 21.31 -5.19 -0.82
C GLY A 406 21.18 -3.69 -1.01
N THR A 407 22.10 -2.96 -0.39
CA THR A 407 22.16 -1.52 -0.52
C THR A 407 23.62 -1.10 -0.46
N ASP A 408 23.85 0.13 -0.92
CA ASP A 408 25.14 0.81 -0.81
C ASP A 408 25.68 1.08 0.63
N PHE A 409 24.85 0.90 1.67
CA PHE A 409 25.38 0.90 3.04
C PHE A 409 25.43 -0.51 3.68
N ASP A 410 24.51 -1.39 3.29
CA ASP A 410 24.46 -2.74 3.81
C ASP A 410 24.44 -3.75 2.66
N PRO A 411 25.64 -4.22 2.27
CA PRO A 411 25.78 -5.15 1.16
C PRO A 411 25.30 -6.56 1.52
N SER A 412 24.61 -7.20 0.59
CA SER A 412 24.30 -8.62 0.72
C SER A 412 25.55 -9.39 0.33
N PRO A 413 25.82 -10.49 1.02
CA PRO A 413 27.10 -11.17 0.82
C PRO A 413 27.13 -11.82 -0.56
N ASP A 414 25.97 -12.25 -1.06
CA ASP A 414 25.96 -13.04 -2.30
C ASP A 414 25.99 -12.15 -3.52
N GLN A 415 25.66 -10.88 -3.34
CA GLN A 415 25.75 -9.87 -4.40
C GLN A 415 27.18 -9.36 -4.66
N ASN A 416 27.35 -8.74 -5.83
CA ASN A 416 28.61 -8.16 -6.27
C ASN A 416 28.96 -6.86 -5.51
N PRO A 417 30.21 -6.70 -5.07
CA PRO A 417 30.65 -5.46 -4.40
C PRO A 417 30.76 -4.21 -5.26
N ARG A 418 30.44 -4.30 -6.55
CA ARG A 418 30.49 -3.15 -7.43
C ARG A 418 29.14 -2.77 -8.02
N ALA A 419 28.06 -3.31 -7.45
CA ALA A 419 26.70 -3.01 -7.91
C ALA A 419 26.39 -1.54 -7.76
N PHE A 420 26.94 -1.00 -6.67
CA PHE A 420 26.75 0.39 -6.33
C PHE A 420 28.06 1.17 -6.54
N GLN A 421 28.89 0.72 -7.48
CA GLN A 421 30.18 1.39 -7.69
C GLN A 421 29.97 2.80 -8.21
N SER A 422 28.92 3.05 -8.99
CA SER A 422 28.72 4.42 -9.51
C SER A 422 27.28 4.86 -9.71
N TYR A 423 27.01 6.13 -9.59
CA TYR A 423 25.70 6.61 -9.99
C TYR A 423 25.80 7.98 -10.68
N SER A 424 24.66 8.52 -11.14
CA SER A 424 24.58 9.86 -11.70
C SER A 424 25.31 9.96 -13.03
N HIS A 425 25.31 8.87 -13.79
CA HIS A 425 26.07 8.82 -15.04
C HIS A 425 25.51 9.96 -15.89
N TYR A 426 26.38 10.68 -16.60
CA TYR A 426 25.94 11.69 -17.58
C TYR A 426 26.70 11.41 -18.88
N VAL A 427 25.97 11.47 -20.00
CA VAL A 427 26.57 11.18 -21.31
C VAL A 427 26.97 12.48 -21.99
N MET A 428 28.26 12.56 -22.25
CA MET A 428 28.93 13.75 -22.76
C MET A 428 29.20 13.52 -24.22
N PRO A 429 29.50 14.55 -24.98
CA PRO A 429 29.78 14.37 -26.41
C PRO A 429 30.82 13.29 -26.62
N GLY A 430 30.66 12.53 -27.71
CA GLY A 430 31.53 11.39 -28.00
C GLY A 430 31.11 10.12 -27.28
N GLY A 431 29.98 10.14 -26.59
CA GLY A 431 29.54 9.02 -25.77
C GLY A 431 30.42 8.76 -24.55
N LEU A 432 31.01 9.82 -24.00
CA LEU A 432 31.80 9.71 -22.79
C LEU A 432 30.89 9.86 -21.58
N VAL A 433 31.04 8.97 -20.61
CA VAL A 433 30.13 8.90 -19.45
C VAL A 433 30.84 9.20 -18.13
N GLU A 434 30.47 10.29 -17.48
CA GLU A 434 31.04 10.62 -16.18
C GLU A 434 30.06 10.19 -15.12
N SER A 435 30.51 10.07 -13.88
CA SER A 435 29.68 9.56 -12.80
C SER A 435 30.41 9.71 -11.47
N PHE A 436 29.68 9.51 -10.37
CA PHE A 436 30.30 9.52 -9.04
C PHE A 436 30.41 8.11 -8.43
N ILE A 437 31.45 7.91 -7.62
CA ILE A 437 31.64 6.63 -6.92
C ILE A 437 30.73 6.58 -5.70
N ASP A 438 29.94 5.52 -5.58
CA ASP A 438 29.13 5.32 -4.39
C ASP A 438 29.80 4.26 -3.50
N THR A 439 29.79 3.02 -3.95
CA THR A 439 30.27 1.93 -3.10
C THR A 439 31.08 0.94 -3.89
N VAL A 440 32.33 0.81 -3.48
CA VAL A 440 33.26 -0.16 -4.02
C VAL A 440 33.87 -0.89 -2.83
N GLU A 441 33.42 -2.13 -2.62
CA GLU A 441 33.99 -3.01 -1.62
C GLU A 441 34.05 -2.38 -0.23
N ASN A 442 32.90 -1.89 0.23
CA ASN A 442 32.80 -1.26 1.57
C ASN A 442 33.88 -0.15 1.69
N ARG A 443 33.92 0.68 0.65
CA ARG A 443 34.62 1.96 0.63
C ARG A 443 33.59 2.88 -0.02
N ARG A 444 33.23 3.94 0.69
CA ARG A 444 32.29 4.89 0.13
C ARG A 444 33.17 5.93 -0.55
N GLY A 445 32.75 6.40 -1.71
CA GLY A 445 33.50 7.44 -2.40
C GLY A 445 32.63 8.65 -2.58
N GLY A 446 33.01 9.80 -2.06
CA GLY A 446 32.15 10.96 -2.37
C GLY A 446 32.82 11.71 -3.50
N THR A 447 33.03 11.01 -4.61
CA THR A 447 34.06 11.47 -5.55
C THR A 447 33.81 10.96 -6.95
N LEU A 448 34.49 11.60 -7.91
CA LEU A 448 34.29 11.30 -9.30
C LEU A 448 34.89 9.94 -9.72
N ALA A 449 34.10 9.20 -10.50
CA ALA A 449 34.47 7.88 -10.96
C ALA A 449 35.30 8.04 -12.22
N PRO A 450 35.96 6.99 -12.67
CA PRO A 450 36.63 7.02 -13.96
C PRO A 450 35.62 7.23 -15.08
N THR A 451 35.93 8.16 -15.97
CA THR A 451 35.13 8.38 -17.14
C THR A 451 35.31 7.20 -18.05
N VAL A 452 34.24 6.89 -18.76
CA VAL A 452 34.09 5.64 -19.44
C VAL A 452 33.45 6.00 -20.80
N ARG A 453 33.41 5.06 -21.74
CA ARG A 453 32.85 5.31 -23.07
C ARG A 453 31.92 4.22 -23.61
N VAL A 454 30.81 4.66 -24.20
CA VAL A 454 29.89 3.78 -24.89
C VAL A 454 29.67 4.22 -26.36
N ARG A 455 29.95 3.27 -27.25
CA ARG A 455 29.63 3.40 -28.66
C ARG A 455 28.12 3.14 -28.78
N ILE A 456 27.45 4.01 -29.51
CA ILE A 456 26.00 3.94 -29.69
C ILE A 456 25.68 3.75 -31.17
N ALA A 457 24.93 2.70 -31.47
CA ALA A 457 24.63 2.29 -32.83
C ALA A 457 23.16 2.02 -32.90
N GLN A 458 22.40 2.98 -33.37
CA GLN A 458 20.97 2.76 -33.61
C GLN A 458 20.26 2.49 -32.28
N ASN A 459 19.57 1.36 -32.17
CA ASN A 459 18.94 1.00 -30.91
C ASN A 459 19.81 0.09 -30.04
N ALA A 460 21.13 0.20 -30.18
CA ALA A 460 22.04 -0.61 -29.37
C ALA A 460 23.29 0.15 -28.97
N SER A 461 23.97 -0.38 -27.96
CA SER A 461 25.17 0.23 -27.42
C SER A 461 26.16 -0.81 -26.94
N ALA A 462 27.38 -0.37 -26.73
CA ALA A 462 28.40 -1.25 -26.26
C ALA A 462 29.47 -0.41 -25.59
N VAL A 463 29.86 -0.81 -24.38
CA VAL A 463 30.95 -0.16 -23.70
C VAL A 463 32.21 -0.40 -24.49
N ASP A 464 32.95 0.69 -24.74
CA ASP A 464 34.22 0.67 -25.45
C ASP A 464 35.34 0.17 -24.53
N LEU A 465 35.77 -1.07 -24.73
CA LEU A 465 36.86 -1.62 -23.93
C LEU A 465 38.23 -1.12 -24.35
N ARG A 466 38.29 -0.32 -25.43
CA ARG A 466 39.53 0.31 -25.80
C ARG A 466 39.61 1.81 -25.41
N TYR A 467 38.63 2.32 -24.64
CA TYR A 467 38.75 3.70 -24.14
C TYR A 467 39.75 3.73 -23.01
N GLY A 468 40.54 4.80 -22.98
CA GLY A 468 41.61 4.98 -22.03
C GLY A 468 42.41 3.71 -21.77
N ASN A 469 42.09 3.07 -20.65
CA ASN A 469 42.87 1.94 -20.14
C ASN A 469 41.98 0.73 -19.85
N GLY A 470 41.61 0.03 -20.91
CA GLY A 470 40.71 -1.10 -20.80
C GLY A 470 39.27 -0.68 -20.59
N GLY A 471 38.96 0.55 -20.99
CA GLY A 471 37.64 1.11 -20.75
C GLY A 471 37.66 2.20 -19.69
N LEU A 472 38.70 2.21 -18.85
CA LEU A 472 38.81 3.19 -17.76
C LEU A 472 39.61 4.42 -18.18
N GLY A 473 38.96 5.59 -18.13
CA GLY A 473 39.52 6.80 -18.73
C GLY A 473 39.90 7.89 -17.75
N GLY A 474 40.26 7.51 -16.54
CA GLY A 474 40.77 8.51 -15.60
C GLY A 474 39.70 9.30 -14.88
N TYR A 475 39.97 9.51 -13.60
CA TYR A 475 38.97 9.96 -12.66
C TYR A 475 38.65 11.43 -12.89
N GLY A 476 37.36 11.73 -12.83
CA GLY A 476 36.84 13.06 -13.04
C GLY A 476 37.11 13.64 -14.42
N ASP A 477 37.45 12.80 -15.40
CA ASP A 477 37.72 13.31 -16.76
C ASP A 477 36.43 13.82 -17.43
N ILE A 478 36.21 15.12 -17.35
CA ILE A 478 34.99 15.77 -17.88
C ILE A 478 35.41 16.88 -18.85
N PRO A 479 35.76 16.49 -20.07
CA PRO A 479 36.50 17.36 -20.97
C PRO A 479 35.65 18.21 -21.85
N ALA A 480 36.16 19.38 -22.21
CA ALA A 480 35.40 20.35 -23.00
C ALA A 480 35.67 20.12 -24.47
N ASN A 481 34.64 20.04 -25.28
CA ASN A 481 34.85 19.83 -26.71
C ASN A 481 34.76 21.15 -27.45
N ARG A 482 34.41 22.21 -26.74
CA ARG A 482 34.45 23.55 -27.29
C ARG A 482 35.05 24.52 -26.32
N ALA A 483 35.48 25.66 -26.85
CA ALA A 483 36.22 26.62 -26.08
C ALA A 483 35.51 27.92 -26.24
N ASP A 484 35.24 28.58 -25.11
CA ASP A 484 34.72 29.92 -25.13
C ASP A 484 35.88 30.81 -24.82
N VAL A 485 36.39 31.47 -25.84
CA VAL A 485 37.48 32.43 -25.69
C VAL A 485 36.88 33.85 -25.70
N ASN A 486 36.57 34.39 -24.53
CA ASN A 486 36.03 35.76 -24.40
C ASN A 486 37.10 36.76 -23.95
N ILE A 487 37.76 37.33 -24.93
CA ILE A 487 38.85 38.24 -24.70
C ILE A 487 38.40 39.45 -23.87
N ALA A 488 37.21 39.96 -24.15
CA ALA A 488 36.71 41.19 -23.51
C ALA A 488 36.40 41.07 -22.01
N GLY A 489 35.93 39.91 -21.54
CA GLY A 489 35.73 39.67 -20.10
C GLY A 489 37.01 39.23 -19.40
N PHE A 490 37.88 38.61 -20.19
CA PHE A 490 39.27 38.29 -19.80
C PHE A 490 40.03 39.58 -19.43
N ILE A 491 40.11 40.54 -20.38
CA ILE A 491 40.68 41.88 -20.07
C ILE A 491 39.89 42.63 -18.96
N GLN A 492 38.62 42.26 -18.76
CA GLN A 492 37.91 42.72 -17.56
C GLN A 492 38.38 41.92 -16.34
N ASP A 493 39.47 41.16 -16.50
CA ASP A 493 40.41 41.00 -15.37
C ASP A 493 41.92 41.11 -15.73
N ALA B 1 -29.21 -16.46 -11.71
CA ALA B 1 -30.01 -16.04 -12.91
C ALA B 1 -29.56 -14.69 -13.52
N GLY B 2 -29.71 -13.64 -12.70
CA GLY B 2 -29.70 -12.25 -13.18
C GLY B 2 -31.12 -11.66 -13.11
N VAL B 3 -31.22 -10.43 -12.63
CA VAL B 3 -32.46 -9.65 -12.67
C VAL B 3 -32.30 -8.57 -13.73
N PRO B 4 -33.30 -8.33 -14.56
CA PRO B 4 -33.24 -7.26 -15.57
C PRO B 4 -32.93 -5.88 -14.97
N GLY B 5 -32.05 -5.13 -15.63
CA GLY B 5 -31.64 -3.81 -15.16
C GLY B 5 -30.58 -3.85 -14.08
N PHE B 6 -30.14 -5.05 -13.75
CA PHE B 6 -29.15 -5.22 -12.73
C PHE B 6 -28.07 -6.08 -13.33
N PRO B 7 -26.84 -5.85 -12.91
CA PRO B 7 -25.73 -6.62 -13.43
C PRO B 7 -25.80 -8.04 -12.91
N LEU B 8 -25.07 -8.94 -13.56
CA LEU B 8 -25.06 -10.35 -13.17
C LEU B 8 -24.11 -10.59 -11.99
N PRO B 9 -24.38 -11.58 -11.16
CA PRO B 9 -23.43 -11.94 -10.13
C PRO B 9 -22.11 -12.47 -10.69
N SER B 10 -21.02 -12.21 -9.97
CA SER B 10 -19.71 -12.78 -10.26
C SER B 10 -19.78 -14.31 -10.33
N ILE B 11 -18.89 -14.87 -11.12
CA ILE B 11 -18.70 -16.30 -11.16
C ILE B 11 -17.81 -16.70 -9.99
N HIS B 12 -18.27 -17.63 -9.16
CA HIS B 12 -17.43 -18.18 -8.09
C HIS B 12 -17.42 -19.70 -8.24
N THR B 13 -16.25 -20.31 -8.19
CA THR B 13 -16.12 -21.76 -8.41
C THR B 13 -16.35 -22.61 -7.15
N GLN B 14 -16.17 -22.01 -5.98
CA GLN B 14 -16.21 -22.72 -4.70
C GLN B 14 -15.04 -23.65 -4.45
N GLN B 15 -14.06 -23.70 -5.34
CA GLN B 15 -12.96 -24.64 -5.14
C GLN B 15 -12.12 -24.27 -3.93
N ALA B 16 -11.54 -25.31 -3.34
CA ALA B 16 -10.77 -25.21 -2.13
C ALA B 16 -9.30 -24.94 -2.47
N TYR B 17 -8.65 -24.17 -1.62
CA TYR B 17 -7.25 -23.89 -1.77
C TYR B 17 -6.55 -24.20 -0.47
N ASP B 18 -5.30 -24.61 -0.55
CA ASP B 18 -4.48 -24.72 0.67
C ASP B 18 -4.76 -23.50 1.59
N PRO B 19 -5.09 -23.74 2.86
CA PRO B 19 -5.29 -22.63 3.80
C PRO B 19 -4.03 -21.76 3.91
N GLN B 20 -2.86 -22.40 3.81
CA GLN B 20 -1.58 -21.71 3.96
C GLN B 20 -1.22 -20.90 2.72
N SER B 21 -2.10 -20.89 1.71
CA SER B 21 -1.87 -20.15 0.46
C SER B 21 -2.42 -18.74 0.51
N ASP B 22 -2.27 -18.00 -0.58
CA ASP B 22 -2.61 -16.58 -0.55
C ASP B 22 -3.84 -16.19 -1.39
N PHE B 23 -4.66 -17.17 -1.74
CA PHE B 23 -5.89 -16.85 -2.46
C PHE B 23 -6.88 -16.23 -1.53
N THR B 24 -7.54 -15.16 -1.97
CA THR B 24 -8.58 -14.50 -1.17
C THR B 24 -9.87 -14.34 -1.97
N ALA B 25 -10.96 -14.91 -1.51
CA ALA B 25 -12.22 -14.75 -2.21
C ALA B 25 -12.64 -13.31 -2.10
N ARG B 26 -13.38 -12.81 -3.08
CA ARG B 26 -13.91 -11.45 -3.06
C ARG B 26 -15.43 -11.43 -3.07
N TRP B 27 -16.03 -10.82 -2.05
CA TRP B 27 -17.43 -10.54 -2.08
C TRP B 27 -17.50 -9.27 -2.89
N THR B 28 -17.79 -9.41 -4.18
CA THR B 28 -17.68 -8.31 -5.12
C THR B 28 -18.88 -7.41 -5.14
N ARG B 29 -18.75 -6.29 -5.82
CA ARG B 29 -19.87 -5.38 -5.98
C ARG B 29 -20.97 -6.06 -6.70
N ALA B 30 -20.61 -6.73 -7.80
CA ALA B 30 -21.56 -7.44 -8.64
C ALA B 30 -22.39 -8.42 -7.80
N ASP B 31 -21.72 -9.16 -6.93
CA ASP B 31 -22.40 -9.93 -5.89
C ASP B 31 -23.31 -9.06 -5.04
N ALA B 32 -22.76 -8.05 -4.38
CA ALA B 32 -23.56 -7.34 -3.36
C ALA B 32 -24.73 -6.52 -3.94
N LEU B 33 -24.57 -6.08 -5.18
CA LEU B 33 -25.62 -5.40 -5.91
C LEU B 33 -26.84 -6.28 -6.17
N GLN B 34 -26.71 -7.59 -5.96
CA GLN B 34 -27.84 -8.51 -6.14
C GLN B 34 -28.86 -8.37 -5.03
N ILE B 35 -28.48 -7.76 -3.93
CA ILE B 35 -29.44 -7.51 -2.85
C ILE B 35 -30.44 -6.44 -3.30
N LYS B 36 -29.94 -5.28 -3.71
CA LYS B 36 -30.83 -4.24 -4.23
C LYS B 36 -31.71 -4.73 -5.37
N ALA B 37 -31.17 -5.64 -6.19
CA ALA B 37 -31.84 -6.18 -7.38
C ALA B 37 -33.00 -7.06 -7.04
N HIS B 38 -32.94 -7.75 -5.91
CA HIS B 38 -34.08 -8.54 -5.44
C HIS B 38 -34.93 -7.80 -4.43
N SER B 39 -34.42 -6.71 -3.88
CA SER B 39 -35.24 -5.84 -3.03
C SER B 39 -36.37 -5.24 -3.84
N ASP B 40 -37.56 -5.25 -3.26
CA ASP B 40 -38.75 -4.74 -3.89
C ASP B 40 -38.82 -3.23 -3.70
N ALA B 41 -38.72 -2.52 -4.83
CA ALA B 41 -38.85 -1.07 -4.89
C ALA B 41 -40.28 -0.53 -4.85
N THR B 42 -41.29 -1.40 -5.02
CA THR B 42 -42.71 -1.01 -4.97
C THR B 42 -43.24 -0.67 -3.58
N VAL B 43 -42.70 -1.35 -2.59
CA VAL B 43 -43.30 -1.33 -1.28
C VAL B 43 -43.32 0.09 -0.71
N ALA B 44 -44.43 0.39 -0.01
CA ALA B 44 -44.70 1.70 0.61
C ALA B 44 -43.72 2.04 1.72
N ALA B 45 -43.41 3.32 1.85
CA ALA B 45 -42.51 3.83 2.90
C ALA B 45 -42.55 3.00 4.18
N GLY B 46 -41.41 2.44 4.58
CA GLY B 46 -41.31 1.72 5.85
C GLY B 46 -41.59 0.22 5.80
N GLN B 47 -42.22 -0.27 4.73
CA GLN B 47 -42.42 -1.72 4.60
C GLN B 47 -41.13 -2.47 4.26
N ASN B 48 -41.07 -3.76 4.61
CA ASN B 48 -39.93 -4.59 4.22
C ASN B 48 -39.77 -4.66 2.71
N SER B 49 -38.56 -4.50 2.19
CA SER B 49 -38.33 -4.65 0.73
C SER B 49 -37.65 -5.97 0.37
N LEU B 50 -37.07 -6.62 1.36
CA LEU B 50 -36.25 -7.80 1.12
C LEU B 50 -37.13 -9.00 0.81
N PRO B 51 -36.59 -9.98 0.07
CA PRO B 51 -37.23 -11.29 -0.12
C PRO B 51 -37.70 -11.90 1.20
N ALA B 52 -38.92 -12.44 1.20
CA ALA B 52 -39.52 -12.95 2.42
C ALA B 52 -38.62 -13.95 3.14
N GLN B 53 -38.07 -14.91 2.40
CA GLN B 53 -37.28 -15.98 2.99
C GLN B 53 -35.85 -15.58 3.45
N LEU B 54 -35.47 -14.32 3.27
CA LEU B 54 -34.22 -13.81 3.80
C LEU B 54 -34.50 -12.70 4.80
N THR B 55 -35.73 -12.62 5.28
CA THR B 55 -36.12 -11.63 6.25
C THR B 55 -36.34 -12.23 7.63
N MET B 56 -35.89 -11.54 8.66
CA MET B 56 -36.16 -12.00 10.02
C MET B 56 -37.61 -11.68 10.42
N PRO B 57 -38.27 -12.63 11.09
CA PRO B 57 -39.59 -12.39 11.67
C PRO B 57 -39.59 -11.15 12.56
N ASN B 58 -40.70 -10.42 12.61
CA ASN B 58 -40.79 -9.27 13.48
C ASN B 58 -40.67 -9.68 14.95
N ILE B 59 -39.93 -8.87 15.72
CA ILE B 59 -39.81 -9.07 17.14
C ILE B 59 -40.86 -8.23 17.82
N PRO B 60 -41.63 -8.82 18.72
CA PRO B 60 -42.65 -8.06 19.46
C PRO B 60 -42.08 -6.81 20.17
N ALA B 61 -42.84 -5.71 20.12
CA ALA B 61 -42.41 -4.45 20.75
C ALA B 61 -42.43 -4.51 22.26
N ASP B 62 -43.09 -5.53 22.80
CA ASP B 62 -43.23 -5.70 24.24
C ASP B 62 -42.29 -6.79 24.75
N PHE B 63 -41.15 -6.95 24.09
CA PHE B 63 -40.17 -7.99 24.42
C PHE B 63 -39.73 -7.90 25.89
N PRO B 64 -39.34 -9.03 26.49
CA PRO B 64 -38.88 -9.04 27.86
C PRO B 64 -37.39 -8.81 27.90
N VAL B 65 -36.84 -8.58 29.09
CA VAL B 65 -35.40 -8.39 29.24
C VAL B 65 -34.76 -9.49 30.07
N ILE B 66 -33.51 -9.80 29.72
CA ILE B 66 -32.72 -10.83 30.40
C ILE B 66 -32.42 -10.52 31.89
N ASN B 67 -32.18 -9.25 32.16
CA ASN B 67 -31.89 -8.79 33.49
C ASN B 67 -32.10 -7.29 33.48
N PRO B 68 -32.89 -6.77 34.41
CA PRO B 68 -33.18 -5.33 34.41
C PRO B 68 -31.93 -4.51 34.72
N ASP B 69 -30.95 -5.07 35.40
CA ASP B 69 -29.76 -4.33 35.81
C ASP B 69 -28.56 -4.47 34.93
N VAL B 70 -28.65 -5.18 33.80
CA VAL B 70 -27.51 -5.27 32.91
C VAL B 70 -27.88 -5.25 31.43
N TRP B 71 -26.96 -4.71 30.67
CA TRP B 71 -27.03 -4.63 29.24
C TRP B 71 -26.21 -5.77 28.66
N VAL B 72 -26.82 -6.44 27.71
CA VAL B 72 -26.24 -7.61 27.11
C VAL B 72 -26.30 -7.38 25.62
N TRP B 73 -25.21 -7.66 24.90
CA TRP B 73 -25.25 -7.69 23.44
C TRP B 73 -24.51 -8.89 22.87
N ASP B 74 -23.36 -8.76 22.23
CA ASP B 74 -22.79 -9.93 21.55
C ASP B 74 -22.78 -11.09 22.52
N THR B 75 -23.42 -12.20 22.15
CA THR B 75 -23.47 -13.36 23.01
C THR B 75 -22.88 -14.57 22.32
N TRP B 76 -22.17 -15.38 23.09
CA TRP B 76 -21.79 -16.70 22.62
C TRP B 76 -21.95 -17.71 23.76
N THR B 77 -21.58 -18.95 23.50
CA THR B 77 -21.77 -20.00 24.45
C THR B 77 -20.51 -20.83 24.60
N LEU B 78 -20.65 -21.98 25.24
CA LEU B 78 -19.53 -22.83 25.53
C LEU B 78 -19.47 -23.87 24.42
N ILE B 79 -18.52 -23.70 23.50
CA ILE B 79 -18.35 -24.61 22.35
C ILE B 79 -17.07 -25.44 22.42
N ASP B 80 -17.02 -26.54 21.67
CA ASP B 80 -15.77 -27.27 21.48
C ASP B 80 -15.12 -26.92 20.15
N LYS B 81 -14.04 -27.63 19.85
CA LYS B 81 -13.30 -27.48 18.58
C LYS B 81 -14.08 -27.72 17.26
N HIS B 82 -15.30 -28.23 17.35
CA HIS B 82 -16.17 -28.49 16.21
C HIS B 82 -17.41 -27.62 16.23
N ALA B 83 -17.44 -26.61 17.09
CA ALA B 83 -18.55 -25.62 17.21
C ALA B 83 -19.82 -26.15 17.89
N ASP B 84 -19.76 -27.37 18.40
CA ASP B 84 -20.86 -27.92 19.21
C ASP B 84 -21.01 -27.15 20.51
N GLN B 85 -22.23 -27.14 21.03
CA GLN B 85 -22.53 -26.33 22.23
C GLN B 85 -22.77 -27.26 23.41
N PHE B 86 -22.01 -27.02 24.47
CA PHE B 86 -21.90 -27.93 25.60
C PHE B 86 -22.50 -27.37 26.87
N SER B 87 -23.36 -28.15 27.51
CA SER B 87 -23.78 -27.88 28.88
C SER B 87 -22.68 -28.46 29.76
N TYR B 88 -22.55 -27.97 31.00
CA TYR B 88 -21.53 -28.46 31.93
C TYR B 88 -22.19 -28.88 33.23
N ASN B 89 -22.05 -30.15 33.60
CA ASN B 89 -22.66 -30.70 34.81
C ASN B 89 -24.09 -30.14 34.97
N GLY B 90 -24.90 -30.24 33.92
CA GLY B 90 -26.32 -29.86 33.98
C GLY B 90 -26.67 -28.40 33.74
N TRP B 91 -25.68 -27.54 33.52
CA TRP B 91 -25.96 -26.11 33.29
C TRP B 91 -25.64 -25.67 31.88
N GLU B 92 -26.56 -24.95 31.24
CA GLU B 92 -26.23 -24.20 30.01
C GLU B 92 -25.58 -22.89 30.42
N VAL B 93 -24.62 -22.43 29.63
CA VAL B 93 -23.90 -21.19 29.92
C VAL B 93 -23.72 -20.35 28.68
N ILE B 94 -23.87 -19.04 28.86
CA ILE B 94 -23.58 -18.11 27.79
C ILE B 94 -22.61 -17.06 28.26
N PHE B 95 -21.98 -16.40 27.28
CA PHE B 95 -21.02 -15.35 27.53
C PHE B 95 -21.46 -14.10 26.76
N CYS B 96 -21.43 -12.95 27.42
CA CYS B 96 -21.93 -11.70 26.82
C CYS B 96 -21.01 -10.56 27.08
N LEU B 97 -20.99 -9.62 26.14
CA LEU B 97 -20.60 -8.27 26.44
C LEU B 97 -21.68 -7.70 27.36
N THR B 98 -21.26 -7.28 28.55
CA THR B 98 -22.15 -6.68 29.51
C THR B 98 -21.75 -5.24 29.77
N ALA B 99 -22.72 -4.43 30.17
CA ALA B 99 -22.48 -3.06 30.54
C ALA B 99 -23.53 -2.66 31.56
N ASP B 100 -23.39 -1.44 32.07
CA ASP B 100 -24.20 -0.95 33.18
C ASP B 100 -25.18 0.17 32.80
N PRO B 101 -26.48 -0.12 32.85
CA PRO B 101 -27.51 0.89 32.52
C PRO B 101 -27.59 1.99 33.54
N ASN B 102 -27.18 1.71 34.78
CA ASN B 102 -27.20 2.71 35.84
C ASN B 102 -25.82 3.25 36.22
N ALA B 103 -25.04 3.54 35.19
CA ALA B 103 -23.77 4.28 35.33
C ALA B 103 -23.95 5.59 34.55
N GLY B 104 -22.88 6.16 34.03
CA GLY B 104 -23.01 7.43 33.36
C GLY B 104 -23.56 7.37 31.95
N TYR B 105 -23.29 6.26 31.28
CA TYR B 105 -23.33 6.18 29.83
C TYR B 105 -24.66 5.69 29.28
N GLY B 106 -25.08 6.28 28.18
CA GLY B 106 -26.26 5.83 27.45
C GLY B 106 -25.94 4.57 26.67
N PHE B 107 -26.98 3.81 26.35
CA PHE B 107 -26.82 2.54 25.70
C PHE B 107 -25.77 2.63 24.55
N ASP B 108 -25.87 3.66 23.73
CA ASP B 108 -24.95 3.81 22.59
C ASP B 108 -23.53 4.14 22.93
N ASP B 109 -23.23 4.61 24.13
CA ASP B 109 -21.80 4.74 24.52
C ASP B 109 -21.29 3.61 25.45
N ARG B 110 -21.91 2.45 25.37
CA ARG B 110 -21.59 1.36 26.29
C ARG B 110 -20.35 0.61 25.85
N HIS B 111 -19.96 0.77 24.59
CA HIS B 111 -18.93 -0.05 23.96
C HIS B 111 -17.54 0.05 24.62
N VAL B 112 -17.10 1.28 24.91
CA VAL B 112 -15.81 1.46 25.63
C VAL B 112 -15.79 0.97 27.08
N HIS B 113 -16.97 0.74 27.67
CA HIS B 113 -17.12 0.18 29.03
C HIS B 113 -17.47 -1.30 29.05
N ALA B 114 -17.26 -1.98 27.95
CA ALA B 114 -17.73 -3.34 27.82
C ALA B 114 -16.90 -4.27 28.70
N ARG B 115 -17.58 -5.21 29.33
CA ARG B 115 -16.91 -6.27 30.07
C ARG B 115 -17.61 -7.61 29.83
N ILE B 116 -16.85 -8.68 29.69
CA ILE B 116 -17.46 -9.97 29.42
C ILE B 116 -18.09 -10.50 30.71
N GLY B 117 -19.37 -10.88 30.64
CA GLY B 117 -20.05 -11.50 31.76
C GLY B 117 -20.62 -12.82 31.33
N PHE B 118 -21.14 -13.59 32.27
CA PHE B 118 -21.82 -14.84 31.93
C PHE B 118 -23.16 -15.00 32.62
N PHE B 119 -24.05 -15.70 31.95
CA PHE B 119 -25.29 -16.12 32.56
C PHE B 119 -25.31 -17.63 32.62
N TYR B 120 -26.26 -18.16 33.35
CA TYR B 120 -26.51 -19.58 33.26
C TYR B 120 -27.97 -19.88 33.55
N ARG B 121 -28.36 -21.10 33.23
CA ARG B 121 -29.70 -21.55 33.43
C ARG B 121 -29.59 -23.05 33.35
N ARG B 122 -30.57 -23.76 33.89
CA ARG B 122 -30.48 -25.20 33.95
C ARG B 122 -30.46 -25.72 32.53
N ALA B 123 -29.85 -26.88 32.30
CA ALA B 123 -29.73 -27.39 30.94
C ALA B 123 -30.85 -28.38 30.61
N GLY B 124 -31.21 -28.44 29.34
CA GLY B 124 -32.02 -29.52 28.80
C GLY B 124 -33.52 -29.37 28.87
N ILE B 125 -34.03 -28.14 28.76
CA ILE B 125 -35.48 -27.90 28.84
C ILE B 125 -35.97 -27.22 27.56
N PRO B 126 -37.09 -27.65 26.96
CA PRO B 126 -37.61 -26.95 25.77
C PRO B 126 -37.86 -25.48 26.08
N ALA B 127 -37.76 -24.61 25.08
CA ALA B 127 -37.93 -23.17 25.26
C ALA B 127 -39.31 -22.85 25.82
N SER B 128 -40.34 -23.38 25.17
CA SER B 128 -41.73 -23.15 25.58
C SER B 128 -42.05 -23.52 27.04
N ARG B 129 -41.11 -24.16 27.73
CA ARG B 129 -41.31 -24.49 29.14
C ARG B 129 -40.36 -23.77 30.11
N ARG B 130 -39.76 -22.66 29.66
CA ARG B 130 -38.95 -21.79 30.53
C ARG B 130 -39.58 -20.41 30.57
N PRO B 131 -39.25 -19.58 31.57
CA PRO B 131 -39.70 -18.19 31.59
C PRO B 131 -39.49 -17.48 30.24
N VAL B 132 -40.42 -16.61 29.92
CA VAL B 132 -40.44 -15.87 28.69
C VAL B 132 -39.09 -15.21 28.42
N ASN B 133 -38.39 -14.77 29.47
CA ASN B 133 -37.10 -14.09 29.29
C ASN B 133 -35.86 -15.00 29.18
N GLY B 134 -36.09 -16.30 29.04
CA GLY B 134 -35.02 -17.27 28.89
C GLY B 134 -34.66 -17.95 30.19
N GLY B 135 -35.05 -17.35 31.32
CA GLY B 135 -34.71 -17.84 32.65
C GLY B 135 -33.24 -17.87 32.95
N TRP B 136 -32.48 -16.92 32.39
CA TRP B 136 -31.03 -16.83 32.62
C TRP B 136 -30.69 -16.08 33.90
N THR B 137 -29.99 -16.71 34.85
CA THR B 137 -29.47 -15.97 36.01
C THR B 137 -28.02 -15.50 35.73
N TYR B 138 -27.77 -14.22 35.99
CA TYR B 138 -26.48 -13.56 35.83
C TYR B 138 -25.44 -14.05 36.81
N GLY B 139 -24.25 -14.36 36.34
CA GLY B 139 -23.16 -14.81 37.23
C GLY B 139 -22.11 -13.77 37.56
N GLY B 140 -22.18 -12.61 36.91
CA GLY B 140 -21.18 -11.55 37.08
C GLY B 140 -20.15 -11.57 35.96
N HIS B 141 -19.07 -10.84 36.16
CA HIS B 141 -18.00 -10.75 35.16
C HIS B 141 -17.27 -12.07 35.06
N LEU B 142 -16.80 -12.42 33.87
CA LEU B 142 -16.08 -13.67 33.70
C LEU B 142 -14.69 -13.57 34.30
N PHE B 143 -14.00 -12.47 34.06
CA PHE B 143 -12.63 -12.31 34.55
C PHE B 143 -12.55 -11.47 35.82
N PRO B 144 -11.55 -11.74 36.65
CA PRO B 144 -11.25 -10.85 37.78
C PRO B 144 -10.80 -9.52 37.21
N ASP B 145 -11.20 -8.41 37.87
CA ASP B 145 -11.46 -7.14 37.12
C ASP B 145 -10.26 -6.29 36.73
N GLY B 146 -9.08 -6.63 37.25
CA GLY B 146 -7.83 -6.02 36.75
C GLY B 146 -7.05 -6.83 35.72
N ALA B 147 -7.63 -7.92 35.22
CA ALA B 147 -6.86 -8.97 34.56
C ALA B 147 -6.67 -8.71 33.07
N SER B 148 -7.75 -8.32 32.41
CA SER B 148 -7.71 -8.07 30.98
C SER B 148 -6.89 -6.82 30.71
N ALA B 149 -6.83 -5.93 31.70
CA ALA B 149 -6.10 -4.68 31.57
C ALA B 149 -4.58 -4.89 31.56
N GLN B 150 -4.11 -6.01 32.11
CA GLN B 150 -2.66 -6.28 32.19
C GLN B 150 -2.01 -6.08 30.86
N VAL B 151 -2.59 -6.72 29.86
CA VAL B 151 -2.19 -6.57 28.47
C VAL B 151 -1.75 -5.13 28.12
N TYR B 152 -2.45 -4.12 28.61
CA TYR B 152 -2.05 -2.71 28.32
C TYR B 152 -1.27 -2.02 29.45
N ALA B 153 -0.82 -2.82 30.42
CA ALA B 153 -0.23 -2.32 31.65
C ALA B 153 0.74 -1.17 31.41
N GLY B 154 1.54 -1.29 30.37
CA GLY B 154 2.54 -0.26 30.14
C GLY B 154 1.96 1.13 29.94
N GLN B 155 0.79 1.19 29.30
CA GLN B 155 0.49 2.31 28.41
C GLN B 155 -0.70 3.24 28.79
N THR B 156 -0.91 4.21 27.90
CA THR B 156 -1.78 5.34 28.15
C THR B 156 -3.11 5.04 27.50
N TYR B 157 -4.19 5.07 28.26
CA TYR B 157 -5.50 4.90 27.68
C TYR B 157 -6.55 5.44 28.64
N THR B 158 -7.66 5.92 28.09
CA THR B 158 -8.78 6.42 28.88
C THR B 158 -9.77 5.31 29.19
N ASN B 159 -9.81 4.28 28.36
CA ASN B 159 -10.69 3.15 28.57
C ASN B 159 -10.07 1.86 28.05
N GLN B 160 -10.26 0.77 28.79
CA GLN B 160 -9.92 -0.58 28.35
C GLN B 160 -11.16 -1.41 28.50
N ALA B 161 -11.48 -2.21 27.48
CA ALA B 161 -12.70 -3.00 27.50
C ALA B 161 -12.47 -4.40 26.89
N GLU B 162 -13.40 -5.30 27.20
CA GLU B 162 -13.35 -6.68 26.75
C GLU B 162 -14.46 -6.87 25.72
N TRP B 163 -14.05 -7.20 24.49
CA TRP B 163 -14.95 -7.37 23.36
C TRP B 163 -14.96 -8.82 22.93
N SER B 164 -15.84 -9.14 21.99
CA SER B 164 -16.33 -10.49 21.81
C SER B 164 -15.32 -11.43 21.19
N GLY B 165 -15.67 -12.71 21.26
CA GLY B 165 -14.86 -13.78 20.75
C GLY B 165 -15.58 -15.10 20.94
N SER B 166 -14.90 -16.06 21.56
CA SER B 166 -15.48 -17.38 21.79
C SER B 166 -14.89 -18.05 23.02
N SER B 167 -15.58 -19.05 23.53
CA SER B 167 -15.09 -19.76 24.70
C SER B 167 -15.06 -21.20 24.36
N ARG B 168 -13.85 -21.74 24.31
CA ARG B 168 -13.63 -23.06 23.78
C ARG B 168 -13.41 -23.99 24.95
N LEU B 169 -14.16 -25.08 24.96
CA LEU B 169 -14.04 -26.09 26.01
C LEU B 169 -12.94 -27.03 25.53
N MET B 170 -11.80 -27.01 26.21
CA MET B 170 -10.60 -27.65 25.69
C MET B 170 -10.64 -29.14 25.88
N GLN B 171 -11.14 -29.58 27.03
CA GLN B 171 -11.29 -30.99 27.33
C GLN B 171 -12.75 -31.23 27.69
N ILE B 172 -13.49 -31.84 26.77
CA ILE B 172 -14.95 -31.88 26.83
C ILE B 172 -15.52 -32.76 27.95
N HIS B 173 -14.66 -33.54 28.61
CA HIS B 173 -15.06 -34.22 29.83
C HIS B 173 -14.34 -33.61 31.04
N GLY B 174 -13.97 -32.35 30.92
CA GLY B 174 -13.21 -31.66 31.97
C GLY B 174 -13.70 -30.24 32.15
N ASN B 175 -12.95 -29.45 32.91
CA ASN B 175 -13.40 -28.11 33.26
C ASN B 175 -12.55 -27.00 32.65
N THR B 176 -11.68 -27.35 31.69
CA THR B 176 -10.72 -26.39 31.16
C THR B 176 -11.31 -25.66 29.97
N VAL B 177 -11.40 -24.34 30.10
CA VAL B 177 -11.99 -23.45 29.08
C VAL B 177 -10.96 -22.45 28.58
N SER B 178 -10.81 -22.35 27.26
CA SER B 178 -9.98 -21.31 26.64
C SER B 178 -10.86 -20.21 26.09
N VAL B 179 -10.87 -19.06 26.74
CA VAL B 179 -11.61 -17.90 26.22
C VAL B 179 -10.73 -17.08 25.28
N PHE B 180 -11.21 -16.87 24.05
CA PHE B 180 -10.56 -15.99 23.07
C PHE B 180 -11.43 -14.75 22.94
N TYR B 181 -10.84 -13.60 23.12
CA TYR B 181 -11.61 -12.36 23.07
C TYR B 181 -10.74 -11.26 22.48
N THR B 182 -11.36 -10.10 22.28
CA THR B 182 -10.65 -8.95 21.78
C THR B 182 -10.41 -7.99 22.94
N ASP B 183 -9.16 -7.83 23.33
CA ASP B 183 -8.84 -6.91 24.42
C ASP B 183 -8.54 -5.54 23.82
N VAL B 184 -9.39 -4.56 24.13
CA VAL B 184 -9.33 -3.25 23.46
C VAL B 184 -9.02 -2.08 24.42
N ALA B 185 -8.32 -1.08 23.90
CA ALA B 185 -7.90 0.08 24.66
C ALA B 185 -8.15 1.34 23.84
N PHE B 186 -8.81 2.30 24.47
CA PHE B 186 -9.05 3.60 23.88
C PHE B 186 -8.36 4.72 24.66
N ASN B 187 -7.90 5.70 23.90
CA ASN B 187 -7.26 6.89 24.42
C ASN B 187 -7.97 8.08 23.82
N ARG B 188 -9.04 8.50 24.50
CA ARG B 188 -10.03 9.42 23.96
C ARG B 188 -9.99 10.73 24.68
N ASP B 189 -10.22 11.82 23.97
CA ASP B 189 -10.24 13.14 24.61
C ASP B 189 -11.63 13.41 25.20
N ALA B 190 -11.89 14.66 25.57
CA ALA B 190 -13.19 15.05 26.14
C ALA B 190 -14.38 14.95 25.18
N ASN B 191 -14.13 14.94 23.87
CA ASN B 191 -15.20 14.83 22.88
C ASN B 191 -15.24 13.45 22.27
N ALA B 192 -14.65 12.49 22.98
CA ALA B 192 -14.62 11.10 22.54
C ALA B 192 -13.79 10.80 21.29
N ASN B 193 -13.05 11.78 20.77
CA ASN B 193 -12.12 11.58 19.66
C ASN B 193 -10.83 10.93 20.13
N ASN B 194 -10.13 10.24 19.23
CA ASN B 194 -8.89 9.57 19.61
C ASN B 194 -7.69 10.50 19.68
N ILE B 195 -6.88 10.33 20.71
CA ILE B 195 -5.62 11.05 20.90
C ILE B 195 -4.52 10.22 20.26
N THR B 196 -4.58 8.91 20.48
CA THR B 196 -3.80 7.92 19.75
C THR B 196 -4.78 6.89 19.22
N PRO B 197 -4.38 6.03 18.29
CA PRO B 197 -5.33 5.07 17.73
C PRO B 197 -5.77 4.04 18.78
N PRO B 198 -7.01 3.58 18.71
CA PRO B 198 -7.44 2.48 19.53
C PRO B 198 -6.50 1.33 19.36
N GLN B 199 -6.49 0.42 20.31
CA GLN B 199 -5.75 -0.83 20.16
C GLN B 199 -6.71 -2.00 20.34
N ALA B 200 -6.64 -2.98 19.45
CA ALA B 200 -7.41 -4.21 19.56
C ALA B 200 -6.45 -5.38 19.46
N ILE B 201 -6.48 -6.26 20.45
CA ILE B 201 -5.58 -7.40 20.51
C ILE B 201 -6.38 -8.67 20.77
N ILE B 202 -6.32 -9.62 19.85
CA ILE B 202 -6.95 -10.90 20.09
C ILE B 202 -6.13 -11.62 21.11
N THR B 203 -6.81 -12.04 22.18
CA THR B 203 -6.19 -12.51 23.40
C THR B 203 -6.85 -13.82 23.88
N GLN B 204 -6.04 -14.71 24.44
CA GLN B 204 -6.49 -15.92 25.13
C GLN B 204 -6.38 -15.76 26.67
N THR B 205 -7.41 -16.19 27.41
CA THR B 205 -7.27 -16.47 28.86
C THR B 205 -7.79 -17.86 29.06
N LEU B 206 -7.00 -18.75 29.68
CA LEU B 206 -7.55 -20.02 30.18
C LEU B 206 -8.03 -19.89 31.63
N GLY B 207 -9.09 -20.63 31.93
CA GLY B 207 -9.58 -20.80 33.28
C GLY B 207 -10.23 -22.16 33.39
N ARG B 208 -10.92 -22.39 34.50
CA ARG B 208 -11.63 -23.63 34.74
C ARG B 208 -13.11 -23.30 35.03
N ILE B 209 -14.04 -24.01 34.37
CA ILE B 209 -15.46 -23.94 34.74
C ILE B 209 -15.83 -24.82 35.97
N HIS B 210 -16.75 -24.32 36.79
CA HIS B 210 -17.18 -25.04 37.97
C HIS B 210 -18.69 -24.88 38.10
N ALA B 211 -19.33 -25.89 38.67
CA ALA B 211 -20.75 -25.77 38.99
C ALA B 211 -21.13 -26.73 40.06
N ASP B 212 -22.23 -26.40 40.72
CA ASP B 212 -22.87 -27.31 41.68
C ASP B 212 -24.37 -27.49 41.35
N PHE B 213 -25.20 -27.60 42.38
CA PHE B 213 -26.63 -27.74 42.21
C PHE B 213 -27.29 -26.37 41.98
N ASN B 214 -26.62 -25.31 42.40
CA ASN B 214 -27.27 -24.01 42.52
C ASN B 214 -26.73 -22.89 41.67
N HIS B 215 -25.45 -22.97 41.30
CA HIS B 215 -24.79 -21.90 40.57
C HIS B 215 -23.51 -22.38 39.87
N VAL B 216 -23.22 -21.74 38.73
CA VAL B 216 -22.03 -21.97 37.92
C VAL B 216 -21.04 -20.90 38.28
N TRP B 217 -19.75 -21.23 38.20
CA TRP B 217 -18.71 -20.24 38.45
C TRP B 217 -17.39 -20.58 37.80
N PHE B 218 -16.44 -19.65 37.87
CA PHE B 218 -15.19 -19.74 37.15
C PHE B 218 -13.98 -19.40 37.99
N THR B 219 -12.85 -20.02 37.68
CA THR B 219 -11.56 -19.64 38.25
C THR B 219 -10.58 -19.40 37.15
N GLY B 220 -9.47 -18.77 37.50
CA GLY B 220 -8.42 -18.45 36.54
C GLY B 220 -8.76 -17.18 35.79
N PHE B 221 -8.42 -17.17 34.51
CA PHE B 221 -8.53 -15.98 33.72
C PHE B 221 -7.69 -14.88 34.34
N THR B 222 -6.54 -15.29 34.86
CA THR B 222 -5.56 -14.40 35.45
C THR B 222 -4.44 -14.15 34.45
N ALA B 223 -4.16 -15.14 33.59
CA ALA B 223 -3.15 -15.01 32.54
C ALA B 223 -3.79 -14.74 31.18
N HIS B 224 -3.85 -13.45 30.84
CA HIS B 224 -4.35 -12.99 29.56
C HIS B 224 -3.19 -12.88 28.62
N THR B 225 -3.19 -13.72 27.60
CA THR B 225 -2.06 -13.86 26.69
C THR B 225 -2.33 -13.26 25.33
N PRO B 226 -1.59 -12.23 24.94
CA PRO B 226 -1.71 -11.66 23.59
C PRO B 226 -1.40 -12.66 22.48
N LEU B 227 -2.34 -12.82 21.54
CA LEU B 227 -2.21 -13.79 20.43
C LEU B 227 -1.85 -13.15 19.10
N LEU B 228 -2.65 -12.15 18.71
CA LEU B 228 -2.58 -11.51 17.41
C LEU B 228 -2.95 -10.06 17.50
N GLN B 229 -2.28 -9.26 16.69
CA GLN B 229 -2.60 -7.87 16.51
C GLN B 229 -2.20 -7.52 15.10
N PRO B 230 -2.91 -6.60 14.48
CA PRO B 230 -2.73 -6.36 13.06
C PRO B 230 -1.30 -5.99 12.76
N ASP B 231 -0.75 -6.60 11.72
CA ASP B 231 0.63 -6.36 11.25
C ASP B 231 0.77 -5.19 10.27
N GLY B 232 -0.34 -4.62 9.81
CA GLY B 232 -0.30 -3.61 8.76
C GLY B 232 0.02 -4.15 7.37
N VAL B 233 0.09 -5.48 7.21
CA VAL B 233 0.47 -6.09 5.93
C VAL B 233 -0.62 -6.98 5.33
N LEU B 234 -1.12 -7.93 6.12
CA LEU B 234 -2.36 -8.64 5.76
C LEU B 234 -3.61 -7.96 6.41
N TYR B 235 -3.42 -7.34 7.57
CA TYR B 235 -4.57 -6.78 8.31
C TYR B 235 -4.23 -5.38 8.72
N GLN B 236 -5.14 -4.46 8.40
CA GLN B 236 -4.96 -3.05 8.71
C GLN B 236 -4.85 -2.77 10.19
N ASN B 237 -3.81 -2.00 10.54
CA ASN B 237 -3.57 -1.63 11.93
C ASN B 237 -3.97 -0.16 12.18
N GLY B 238 -3.81 0.26 13.44
CA GLY B 238 -4.32 1.56 13.89
C GLY B 238 -3.62 2.76 13.28
N ALA B 239 -2.31 2.60 13.08
CA ALA B 239 -1.51 3.61 12.36
C ALA B 239 -2.07 3.92 10.96
N GLN B 240 -2.48 2.87 10.26
CA GLN B 240 -3.03 3.00 8.92
C GLN B 240 -4.45 3.57 8.92
N ASN B 241 -5.21 3.19 9.94
CA ASN B 241 -6.59 3.60 10.05
C ASN B 241 -6.94 3.60 11.53
N GLU B 242 -7.19 4.77 12.08
CA GLU B 242 -7.62 4.87 13.48
C GLU B 242 -8.98 4.19 13.67
N PHE B 243 -9.78 4.13 12.60
CA PHE B 243 -11.07 3.42 12.63
C PHE B 243 -10.98 1.96 12.24
N PHE B 244 -9.76 1.41 12.12
CA PHE B 244 -9.60 -0.03 11.78
C PHE B 244 -10.42 -0.96 12.71
N ASN B 245 -10.97 -2.02 12.12
CA ASN B 245 -11.72 -3.03 12.82
C ASN B 245 -10.79 -4.22 12.96
N PHE B 246 -10.81 -4.86 14.12
CA PHE B 246 -9.98 -6.05 14.30
C PHE B 246 -10.43 -6.78 15.56
N ARG B 247 -11.20 -7.83 15.38
CA ARG B 247 -11.84 -8.42 16.51
C ARG B 247 -12.52 -9.74 16.22
N ASP B 248 -13.12 -10.30 17.26
CA ASP B 248 -14.13 -11.33 17.18
C ASP B 248 -13.52 -12.65 16.74
N PRO B 249 -12.63 -13.23 17.53
CA PRO B 249 -12.02 -14.48 17.15
C PRO B 249 -12.99 -15.65 17.30
N PHE B 250 -12.96 -16.55 16.32
CA PHE B 250 -13.66 -17.82 16.38
C PHE B 250 -12.64 -18.86 15.96
N THR B 251 -12.43 -19.88 16.79
CA THR B 251 -11.49 -20.95 16.47
C THR B 251 -12.20 -22.27 16.25
N PHE B 252 -11.48 -23.22 15.65
CA PHE B 252 -12.02 -24.53 15.31
C PHE B 252 -10.86 -25.38 14.84
N GLU B 253 -11.06 -26.70 14.86
CA GLU B 253 -10.05 -27.66 14.46
C GLU B 253 -10.38 -28.05 13.06
N ASP B 254 -9.36 -28.19 12.22
CA ASP B 254 -9.63 -28.49 10.83
C ASP B 254 -10.40 -29.80 10.75
N PRO B 255 -11.63 -29.77 10.24
CA PRO B 255 -12.45 -30.99 10.21
C PRO B 255 -11.77 -32.17 9.49
N LYS B 256 -10.89 -31.89 8.52
CA LYS B 256 -10.22 -32.96 7.78
C LYS B 256 -8.78 -33.27 8.28
N HIS B 257 -8.33 -32.60 9.35
CA HIS B 257 -6.99 -32.85 9.92
C HIS B 257 -7.03 -32.59 11.42
N PRO B 258 -7.08 -33.62 12.24
CA PRO B 258 -7.02 -33.42 13.67
C PRO B 258 -5.70 -32.74 14.02
N GLY B 259 -5.68 -31.98 15.09
CA GLY B 259 -4.46 -31.36 15.57
C GLY B 259 -4.26 -29.91 15.14
N VAL B 260 -4.75 -29.54 13.95
CA VAL B 260 -4.46 -28.24 13.38
C VAL B 260 -5.66 -27.33 13.59
N ASN B 261 -5.38 -26.14 14.11
CA ASN B 261 -6.40 -25.23 14.56
C ASN B 261 -6.35 -23.88 13.87
N TYR B 262 -7.49 -23.42 13.38
CA TYR B 262 -7.56 -22.16 12.69
C TYR B 262 -8.48 -21.24 13.43
N MET B 263 -8.23 -19.96 13.23
CA MET B 263 -9.02 -18.90 13.80
C MET B 263 -9.42 -18.03 12.64
N VAL B 264 -10.65 -17.55 12.69
CA VAL B 264 -11.19 -16.66 11.71
C VAL B 264 -11.61 -15.43 12.52
N PHE B 265 -11.54 -14.25 11.92
CA PHE B 265 -11.79 -12.99 12.67
C PHE B 265 -12.04 -11.83 11.72
N GLU B 266 -12.56 -10.74 12.26
CA GLU B 266 -12.86 -9.58 11.43
C GLU B 266 -11.65 -8.70 11.32
N GLY B 267 -11.35 -8.28 10.11
CA GLY B 267 -10.27 -7.33 9.88
C GLY B 267 -10.65 -6.29 8.85
N ASN B 268 -9.63 -5.55 8.41
CA ASN B 268 -9.74 -4.66 7.29
C ASN B 268 -8.53 -4.91 6.40
N THR B 269 -8.71 -4.71 5.09
CA THR B 269 -7.60 -4.81 4.19
C THR B 269 -6.53 -3.82 4.62
N ALA B 270 -5.30 -4.34 4.76
CA ALA B 270 -4.10 -3.54 5.03
C ALA B 270 -3.89 -2.42 4.02
N GLY B 271 -3.14 -1.39 4.44
CA GLY B 271 -2.93 -0.16 3.65
C GLY B 271 -3.48 1.05 4.36
N GLN B 272 -3.05 2.23 3.93
CA GLN B 272 -3.49 3.50 4.50
C GLN B 272 -4.97 3.66 4.27
N ARG B 273 -5.69 4.14 5.28
CA ARG B 273 -7.06 4.60 5.10
C ARG B 273 -7.07 5.67 4.00
N GLY B 274 -8.03 5.57 3.09
CA GLY B 274 -8.23 6.59 2.05
C GLY B 274 -7.36 6.51 0.80
N VAL B 275 -6.73 5.37 0.55
CA VAL B 275 -6.05 5.14 -0.74
C VAL B 275 -7.03 4.46 -1.72
N ALA B 276 -7.33 5.14 -2.82
CA ALA B 276 -8.29 4.64 -3.79
C ALA B 276 -7.67 3.53 -4.67
N ASN B 277 -7.57 2.33 -4.12
CA ASN B 277 -6.81 1.25 -4.76
C ASN B 277 -7.60 -0.02 -5.10
N CYS B 278 -8.91 0.14 -5.32
CA CYS B 278 -9.75 -0.96 -5.75
C CYS B 278 -9.51 -1.33 -7.19
N THR B 279 -9.82 -2.55 -7.57
CA THR B 279 -9.61 -2.97 -8.93
C THR B 279 -10.85 -3.67 -9.50
N GLU B 280 -10.83 -3.95 -10.80
CA GLU B 280 -11.95 -4.60 -11.45
C GLU B 280 -12.31 -5.84 -10.72
N ALA B 281 -11.33 -6.51 -10.13
CA ALA B 281 -11.58 -7.73 -9.37
C ALA B 281 -12.55 -7.49 -8.23
N ASP B 282 -12.40 -6.35 -7.57
CA ASP B 282 -13.30 -5.95 -6.47
C ASP B 282 -14.70 -5.63 -7.00
N LEU B 283 -14.80 -5.21 -8.25
CA LEU B 283 -16.09 -4.97 -8.87
C LEU B 283 -16.68 -6.29 -9.23
N GLY B 284 -15.95 -7.08 -10.00
CA GLY B 284 -16.31 -8.48 -10.30
C GLY B 284 -17.37 -8.66 -11.38
N PHE B 285 -17.59 -7.60 -12.17
CA PHE B 285 -18.52 -7.68 -13.28
C PHE B 285 -18.02 -8.63 -14.39
N ARG B 286 -18.95 -9.37 -14.99
CA ARG B 286 -18.65 -10.23 -16.13
C ARG B 286 -18.55 -9.34 -17.35
N PRO B 287 -17.80 -9.77 -18.35
CA PRO B 287 -17.56 -8.94 -19.52
C PRO B 287 -18.85 -8.53 -20.26
N ASN B 288 -18.85 -7.30 -20.78
CA ASN B 288 -20.00 -6.73 -21.50
C ASN B 288 -21.35 -6.67 -20.80
N ASP B 289 -21.34 -6.55 -19.49
CA ASP B 289 -22.57 -6.43 -18.75
C ASP B 289 -23.14 -5.02 -19.03
N PRO B 290 -24.35 -4.95 -19.57
CA PRO B 290 -25.02 -3.66 -19.78
C PRO B 290 -25.18 -2.78 -18.52
N ASN B 291 -25.34 -3.37 -17.35
CA ASN B 291 -25.62 -2.56 -16.18
C ASN B 291 -24.54 -2.63 -15.13
N ALA B 292 -23.30 -2.82 -15.57
CA ALA B 292 -22.13 -2.75 -14.70
C ALA B 292 -21.74 -1.29 -14.44
N GLU B 293 -21.08 -1.03 -13.32
CA GLU B 293 -20.52 0.28 -13.03
C GLU B 293 -19.05 0.26 -13.48
N THR B 294 -18.44 1.42 -13.61
CA THR B 294 -17.02 1.55 -13.90
C THR B 294 -16.23 1.71 -12.62
N LEU B 295 -14.95 1.34 -12.71
CA LEU B 295 -14.03 1.52 -11.62
C LEU B 295 -14.01 2.97 -11.14
N GLN B 296 -13.90 3.91 -12.07
CA GLN B 296 -13.74 5.32 -11.68
C GLN B 296 -15.01 5.79 -10.95
N GLU B 297 -16.20 5.58 -11.52
CA GLU B 297 -17.47 5.79 -10.77
C GLU B 297 -17.35 5.30 -9.30
N VAL B 298 -17.09 4.02 -9.16
CA VAL B 298 -16.96 3.38 -7.84
C VAL B 298 -15.87 4.00 -6.94
N LEU B 299 -14.66 4.20 -7.46
CA LEU B 299 -13.63 4.95 -6.73
C LEU B 299 -14.13 6.32 -6.30
N ASP B 300 -14.71 7.06 -7.25
CA ASP B 300 -15.17 8.41 -6.96
C ASP B 300 -16.34 8.43 -5.96
N SER B 301 -17.21 7.42 -5.99
CA SER B 301 -18.15 7.15 -4.89
C SER B 301 -17.59 7.38 -3.49
N GLY B 302 -16.28 7.23 -3.33
CA GLY B 302 -15.67 7.14 -2.02
C GLY B 302 -15.75 5.73 -1.46
N ALA B 303 -16.14 4.76 -2.32
CA ALA B 303 -16.33 3.35 -1.94
C ALA B 303 -15.05 2.62 -1.46
N TYR B 304 -13.91 3.24 -1.67
CA TYR B 304 -12.63 2.72 -1.24
C TYR B 304 -12.33 2.93 0.24
N TYR B 305 -13.23 3.62 0.98
CA TYR B 305 -13.16 3.71 2.46
C TYR B 305 -13.72 2.46 3.17
N GLN B 306 -14.45 1.65 2.39
CA GLN B 306 -15.09 0.43 2.83
C GLN B 306 -14.23 -0.75 2.40
N LYS B 307 -13.49 -1.34 3.34
CA LYS B 307 -12.52 -2.39 3.03
C LYS B 307 -12.45 -3.52 4.05
N ALA B 308 -13.57 -4.18 4.28
CA ALA B 308 -13.61 -5.29 5.23
C ALA B 308 -12.93 -6.55 4.70
N ASN B 309 -12.43 -7.36 5.63
CA ASN B 309 -12.04 -8.71 5.33
C ASN B 309 -12.27 -9.67 6.51
N ILE B 310 -12.26 -10.95 6.21
CA ILE B 310 -12.37 -11.98 7.20
C ILE B 310 -11.02 -12.68 7.14
N GLY B 311 -10.32 -12.67 8.26
CA GLY B 311 -8.96 -13.18 8.31
C GLY B 311 -8.84 -14.58 8.86
N LEU B 312 -7.67 -15.17 8.63
CA LEU B 312 -7.40 -16.52 9.07
C LEU B 312 -6.04 -16.51 9.76
N ALA B 313 -5.95 -17.17 10.90
CA ALA B 313 -4.68 -17.42 11.56
C ALA B 313 -4.65 -18.88 11.95
N ILE B 314 -3.44 -19.40 12.15
CA ILE B 314 -3.27 -20.81 12.46
C ILE B 314 -2.45 -20.92 13.75
N ALA B 315 -2.87 -21.82 14.62
CA ALA B 315 -2.19 -22.08 15.88
C ALA B 315 -0.83 -22.72 15.66
N THR B 316 0.21 -22.19 16.30
CA THR B 316 1.55 -22.74 16.15
C THR B 316 1.73 -24.02 16.97
N ASP B 317 0.93 -24.21 18.02
CA ASP B 317 0.96 -25.42 18.83
C ASP B 317 -0.43 -25.81 19.36
N SER B 318 -0.51 -26.95 20.05
CA SER B 318 -1.79 -27.44 20.61
C SER B 318 -2.32 -26.64 21.80
N THR B 319 -1.47 -25.78 22.39
CA THR B 319 -1.89 -24.93 23.53
C THR B 319 -2.87 -23.83 23.10
N LEU B 320 -2.81 -23.43 21.83
CA LEU B 320 -3.65 -22.33 21.31
C LEU B 320 -3.25 -21.00 21.92
N SER B 321 -2.09 -20.98 22.55
CA SER B 321 -1.57 -19.78 23.16
C SER B 321 -0.68 -19.05 22.18
N LYS B 322 -0.43 -19.64 21.00
CA LYS B 322 0.45 -19.05 19.98
C LYS B 322 -0.16 -19.19 18.59
N TRP B 323 -0.21 -18.08 17.84
CA TRP B 323 -0.82 -18.07 16.52
C TRP B 323 0.08 -17.35 15.49
N LYS B 324 -0.42 -17.14 14.28
CA LYS B 324 0.39 -16.74 13.14
C LYS B 324 -0.62 -16.47 12.03
N PHE B 325 -0.59 -15.25 11.46
CA PHE B 325 -1.57 -14.86 10.43
C PHE B 325 -1.46 -15.66 9.16
N LEU B 326 -2.57 -15.76 8.46
CA LEU B 326 -2.60 -16.26 7.10
C LEU B 326 -3.34 -15.25 6.26
N SER B 327 -3.36 -15.42 4.95
CA SER B 327 -4.01 -14.45 4.07
C SER B 327 -5.51 -14.45 4.41
N PRO B 328 -6.19 -13.33 4.23
CA PRO B 328 -7.63 -13.29 4.49
C PRO B 328 -8.45 -14.19 3.57
N LEU B 329 -9.41 -14.89 4.14
CA LEU B 329 -10.31 -15.74 3.38
C LEU B 329 -11.19 -14.98 2.37
N ILE B 330 -11.80 -13.89 2.83
CA ILE B 330 -12.73 -13.07 2.03
C ILE B 330 -12.41 -11.58 2.22
N SER B 331 -12.39 -10.82 1.13
CA SER B 331 -12.28 -9.33 1.19
C SER B 331 -13.56 -8.74 0.64
N ALA B 332 -13.98 -7.61 1.17
CA ALA B 332 -15.15 -6.92 0.63
C ALA B 332 -14.80 -5.47 0.25
N ASN B 333 -13.64 -5.31 -0.40
CA ASN B 333 -13.19 -3.99 -0.81
C ASN B 333 -14.22 -3.40 -1.72
N CYS B 334 -14.59 -2.16 -1.42
CA CYS B 334 -15.51 -1.40 -2.22
C CYS B 334 -16.94 -1.85 -2.06
N VAL B 335 -17.20 -2.67 -1.03
CA VAL B 335 -18.54 -3.23 -0.79
C VAL B 335 -19.04 -2.93 0.63
N ASN B 336 -18.22 -3.20 1.64
CA ASN B 336 -18.62 -3.01 3.04
C ASN B 336 -17.40 -2.99 3.94
N ASP B 337 -17.45 -2.25 5.05
CA ASP B 337 -16.25 -2.08 5.89
C ASP B 337 -16.22 -2.95 7.14
N GLN B 338 -17.35 -3.60 7.41
CA GLN B 338 -17.47 -4.48 8.56
C GLN B 338 -18.07 -5.80 8.18
N THR B 339 -17.25 -6.83 8.29
CA THR B 339 -17.71 -8.19 8.28
C THR B 339 -17.37 -8.72 9.66
N GLU B 340 -18.33 -8.65 10.57
CA GLU B 340 -18.11 -8.96 11.98
C GLU B 340 -18.41 -10.41 12.37
N ARG B 341 -17.94 -10.81 13.54
CA ARG B 341 -18.18 -12.15 14.06
C ARG B 341 -18.22 -13.24 12.98
N PRO B 342 -17.13 -13.40 12.25
CA PRO B 342 -17.07 -14.44 11.26
C PRO B 342 -17.03 -15.78 11.95
N GLN B 343 -17.78 -16.74 11.42
CA GLN B 343 -17.72 -18.11 11.89
C GLN B 343 -17.69 -19.00 10.66
N VAL B 344 -17.01 -20.13 10.74
CA VAL B 344 -17.13 -21.14 9.70
C VAL B 344 -18.01 -22.22 10.27
N TYR B 345 -18.97 -22.65 9.45
CA TYR B 345 -20.03 -23.52 9.87
C TYR B 345 -20.10 -24.62 8.84
N LEU B 346 -20.07 -25.86 9.29
CA LEU B 346 -20.14 -27.00 8.39
C LEU B 346 -21.57 -27.54 8.25
N HIS B 347 -21.98 -27.79 7.02
CA HIS B 347 -23.31 -28.28 6.76
C HIS B 347 -23.29 -29.01 5.43
N ASN B 348 -23.90 -30.19 5.41
CA ASN B 348 -24.01 -31.05 4.24
C ASN B 348 -22.69 -31.16 3.49
N GLY B 349 -21.62 -31.34 4.28
CA GLY B 349 -20.29 -31.50 3.74
C GLY B 349 -19.75 -30.27 3.03
N LYS B 350 -20.30 -29.10 3.33
CA LYS B 350 -19.73 -27.87 2.79
C LYS B 350 -19.35 -26.91 3.91
N TYR B 351 -18.49 -25.98 3.57
CA TYR B 351 -17.97 -24.99 4.49
C TYR B 351 -18.67 -23.66 4.27
N TYR B 352 -19.45 -23.25 5.23
CA TYR B 352 -20.08 -21.95 5.18
C TYR B 352 -19.30 -20.93 6.04
N ILE B 353 -19.25 -19.70 5.57
CA ILE B 353 -18.78 -18.61 6.39
C ILE B 353 -19.91 -17.65 6.60
N PHE B 354 -20.32 -17.50 7.85
CA PHE B 354 -21.35 -16.54 8.21
C PHE B 354 -20.73 -15.36 8.88
N THR B 355 -21.31 -14.21 8.63
CA THR B 355 -20.75 -12.98 9.12
C THR B 355 -21.88 -11.97 9.16
N ILE B 356 -21.74 -10.97 10.01
CA ILE B 356 -22.80 -10.02 10.14
C ILE B 356 -22.29 -8.66 9.72
N SER B 357 -23.23 -7.79 9.35
CA SER B 357 -22.90 -6.47 8.90
C SER B 357 -24.09 -5.52 9.01
N HIS B 358 -23.78 -4.23 8.93
CA HIS B 358 -24.75 -3.14 9.00
C HIS B 358 -25.04 -2.53 7.63
N ARG B 359 -26.27 -2.12 7.41
CA ARG B 359 -26.63 -1.36 6.24
C ARG B 359 -25.74 -0.13 6.07
N THR B 360 -25.53 0.62 7.13
CA THR B 360 -24.86 1.91 7.00
C THR B 360 -23.37 1.74 6.83
N THR B 361 -22.89 0.51 6.83
CA THR B 361 -21.49 0.22 6.72
C THR B 361 -21.16 -0.32 5.34
N PHE B 362 -22.17 -0.44 4.48
CA PHE B 362 -21.97 -0.73 3.05
C PHE B 362 -21.40 0.50 2.41
N ALA B 363 -20.97 0.35 1.17
CA ALA B 363 -20.31 1.41 0.46
C ALA B 363 -21.30 2.08 -0.44
N ALA B 364 -20.97 3.30 -0.85
CA ALA B 364 -21.83 4.06 -1.76
C ALA B 364 -22.19 3.22 -2.98
N GLY B 365 -23.45 3.20 -3.37
CA GLY B 365 -23.86 2.40 -4.53
C GLY B 365 -24.23 0.97 -4.21
N VAL B 366 -23.87 0.47 -3.04
CA VAL B 366 -24.31 -0.86 -2.65
C VAL B 366 -25.14 -0.73 -1.40
N ASP B 367 -26.20 -1.52 -1.33
CA ASP B 367 -27.14 -1.36 -0.26
C ASP B 367 -27.73 -2.69 0.13
N GLY B 368 -27.73 -2.95 1.43
CA GLY B 368 -28.36 -4.16 1.99
C GLY B 368 -28.68 -3.95 3.45
N PRO B 369 -29.42 -4.86 4.06
CA PRO B 369 -29.92 -4.67 5.40
C PRO B 369 -28.92 -5.03 6.47
N ASP B 370 -29.17 -4.60 7.69
CA ASP B 370 -28.49 -5.12 8.86
C ASP B 370 -28.84 -6.60 8.99
N GLY B 371 -27.87 -7.42 9.34
CA GLY B 371 -28.15 -8.83 9.47
C GLY B 371 -26.97 -9.71 9.13
N VAL B 372 -27.26 -10.96 8.77
CA VAL B 372 -26.25 -11.98 8.59
C VAL B 372 -26.09 -12.28 7.12
N TYR B 373 -24.83 -12.35 6.71
CA TYR B 373 -24.45 -12.60 5.35
C TYR B 373 -23.62 -13.87 5.36
N GLY B 374 -23.63 -14.60 4.24
CA GLY B 374 -23.05 -15.92 4.20
C GLY B 374 -22.43 -16.28 2.86
N PHE B 375 -21.51 -17.23 2.90
CA PHE B 375 -20.73 -17.65 1.78
C PHE B 375 -20.52 -19.15 1.94
N VAL B 376 -20.53 -19.87 0.82
CA VAL B 376 -20.34 -21.31 0.79
C VAL B 376 -19.20 -21.69 -0.17
N GLY B 377 -18.48 -22.74 0.21
CA GLY B 377 -17.39 -23.29 -0.63
C GLY B 377 -17.03 -24.71 -0.19
N ASP B 378 -16.01 -25.27 -0.83
CA ASP B 378 -15.60 -26.66 -0.61
C ASP B 378 -14.51 -26.80 0.46
N GLY B 379 -14.03 -25.69 1.01
CA GLY B 379 -12.95 -25.75 2.02
C GLY B 379 -12.87 -24.51 2.87
N ILE B 380 -11.95 -24.50 3.82
CA ILE B 380 -11.83 -23.39 4.76
C ILE B 380 -11.48 -22.11 4.02
N ARG B 381 -10.56 -22.24 3.08
CA ARG B 381 -10.20 -21.14 2.19
C ARG B 381 -10.66 -21.62 0.84
N SER B 382 -11.78 -21.07 0.37
CA SER B 382 -12.25 -21.35 -0.98
C SER B 382 -12.57 -20.10 -1.77
N ASP B 383 -12.92 -20.30 -3.04
CA ASP B 383 -13.50 -19.26 -3.85
C ASP B 383 -14.94 -19.15 -3.44
N PHE B 384 -15.17 -18.58 -2.26
CA PHE B 384 -16.50 -18.64 -1.67
C PHE B 384 -17.59 -17.99 -2.53
N GLN B 385 -18.76 -18.63 -2.51
CA GLN B 385 -19.93 -18.19 -3.25
C GLN B 385 -20.88 -17.55 -2.26
N PRO B 386 -21.13 -16.26 -2.43
CA PRO B 386 -22.12 -15.59 -1.59
C PRO B 386 -23.49 -16.21 -1.75
N MET B 387 -24.17 -16.34 -0.61
CA MET B 387 -25.46 -17.04 -0.49
C MET B 387 -26.60 -16.25 -1.16
N ASN B 388 -27.63 -16.97 -1.61
CA ASN B 388 -28.90 -16.38 -2.09
C ASN B 388 -28.78 -15.37 -3.25
N TYR B 389 -29.05 -15.82 -4.47
CA TYR B 389 -28.96 -14.99 -5.68
C TYR B 389 -27.55 -14.47 -5.89
N GLY B 390 -26.56 -15.18 -5.32
CA GLY B 390 -25.17 -14.71 -5.33
C GLY B 390 -24.93 -13.37 -4.67
N SER B 391 -25.80 -12.99 -3.73
CA SER B 391 -25.77 -11.68 -3.09
C SER B 391 -24.95 -11.61 -1.78
N GLY B 392 -24.93 -12.70 -1.02
CA GLY B 392 -24.32 -12.74 0.29
C GLY B 392 -25.35 -12.66 1.41
N LEU B 393 -26.54 -12.16 1.14
CA LEU B 393 -27.53 -12.02 2.21
C LEU B 393 -28.12 -13.36 2.57
N THR B 394 -28.01 -13.70 3.86
CA THR B 394 -28.60 -14.89 4.39
C THR B 394 -29.87 -14.61 5.19
N MET B 395 -29.83 -13.60 6.06
CA MET B 395 -31.02 -13.17 6.83
C MET B 395 -30.84 -11.72 7.26
N GLY B 396 -31.80 -10.89 6.91
CA GLY B 396 -31.76 -9.49 7.28
C GLY B 396 -32.93 -9.08 8.16
N ASN B 397 -32.74 -8.02 8.94
CA ASN B 397 -33.83 -7.32 9.61
C ASN B 397 -34.77 -6.79 8.55
N PRO B 398 -36.06 -6.68 8.86
CA PRO B 398 -37.00 -6.12 7.90
C PRO B 398 -36.66 -4.66 7.62
N THR B 399 -36.24 -4.39 6.40
CA THR B 399 -35.73 -3.09 5.98
C THR B 399 -36.40 -2.66 4.66
N ASP B 400 -36.69 -1.36 4.51
CA ASP B 400 -37.13 -0.78 3.23
C ASP B 400 -35.91 -0.16 2.65
N LEU B 401 -35.27 -0.84 1.70
CA LEU B 401 -34.02 -0.36 1.11
C LEU B 401 -34.23 0.78 0.13
N ASN B 402 -35.49 1.16 -0.09
CA ASN B 402 -35.79 2.27 -0.96
C ASN B 402 -35.73 3.60 -0.22
N THR B 403 -35.60 3.56 1.11
CA THR B 403 -35.64 4.78 1.92
C THR B 403 -34.45 4.87 2.89
N ALA B 404 -34.22 6.04 3.48
CA ALA B 404 -33.00 6.25 4.27
C ALA B 404 -32.92 5.34 5.49
N ALA B 405 -31.68 4.96 5.80
CA ALA B 405 -31.40 4.00 6.85
C ALA B 405 -31.72 4.49 8.26
N GLY B 406 -31.47 5.77 8.53
CA GLY B 406 -31.42 6.28 9.89
C GLY B 406 -30.35 5.56 10.69
N THR B 407 -30.35 5.79 12.00
CA THR B 407 -29.57 5.00 12.91
C THR B 407 -30.54 4.44 13.91
N ASP B 408 -30.14 3.34 14.53
CA ASP B 408 -30.88 2.75 15.66
C ASP B 408 -31.34 3.75 16.75
N PHE B 409 -30.53 4.76 17.03
CA PHE B 409 -30.83 5.78 18.07
C PHE B 409 -31.57 7.00 17.52
N ASP B 410 -31.76 7.09 16.20
CA ASP B 410 -32.36 8.28 15.59
C ASP B 410 -33.11 7.89 14.31
N PRO B 411 -34.14 7.07 14.46
CA PRO B 411 -34.72 6.37 13.30
C PRO B 411 -35.41 7.32 12.32
N SER B 412 -35.12 7.17 11.03
CA SER B 412 -35.76 7.95 9.97
C SER B 412 -37.24 7.55 9.87
N PRO B 413 -38.13 8.53 9.63
CA PRO B 413 -39.58 8.27 9.61
C PRO B 413 -40.09 7.35 8.49
N ASP B 414 -39.38 7.27 7.37
CA ASP B 414 -39.83 6.46 6.24
C ASP B 414 -39.18 5.12 6.27
N GLN B 415 -38.80 4.65 7.44
CA GLN B 415 -38.04 3.44 7.55
C GLN B 415 -38.71 2.49 8.53
N ASN B 416 -38.68 1.21 8.15
CA ASN B 416 -39.16 0.14 8.99
C ASN B 416 -38.59 0.28 10.42
N PRO B 417 -39.47 0.24 11.42
CA PRO B 417 -39.09 0.40 12.81
C PRO B 417 -38.45 -0.82 13.42
N ARG B 418 -38.24 -1.85 12.60
CA ARG B 418 -37.53 -3.05 13.03
C ARG B 418 -36.26 -3.34 12.21
N ALA B 419 -35.85 -2.35 11.41
CA ALA B 419 -34.58 -2.37 10.68
C ALA B 419 -33.35 -2.55 11.57
N PHE B 420 -33.45 -2.19 12.84
CA PHE B 420 -32.34 -2.37 13.76
C PHE B 420 -32.77 -3.23 14.92
N GLN B 421 -33.76 -4.10 14.69
CA GLN B 421 -34.34 -4.89 15.77
C GLN B 421 -33.36 -5.87 16.36
N SER B 422 -32.46 -6.38 15.54
CA SER B 422 -31.50 -7.37 16.00
C SER B 422 -30.13 -7.17 15.36
N TYR B 423 -29.10 -7.56 16.11
CA TYR B 423 -27.75 -7.55 15.58
C TYR B 423 -26.94 -8.67 16.27
N SER B 424 -25.74 -8.90 15.76
CA SER B 424 -24.77 -9.84 16.33
C SER B 424 -25.26 -11.27 16.27
N HIS B 425 -25.93 -11.59 15.19
CA HIS B 425 -26.38 -12.94 14.93
C HIS B 425 -25.25 -13.97 14.89
N TYR B 426 -25.62 -15.18 15.26
CA TYR B 426 -24.68 -16.26 15.42
C TYR B 426 -25.43 -17.52 15.13
N VAL B 427 -24.91 -18.32 14.21
CA VAL B 427 -25.60 -19.51 13.77
C VAL B 427 -25.12 -20.69 14.58
N MET B 428 -26.06 -21.30 15.28
CA MET B 428 -25.78 -22.45 16.14
C MET B 428 -26.04 -23.70 15.31
N PRO B 429 -25.67 -24.87 15.81
CA PRO B 429 -25.96 -26.11 15.09
C PRO B 429 -27.46 -26.25 14.82
N GLY B 430 -27.80 -26.69 13.61
CA GLY B 430 -29.20 -26.74 13.17
C GLY B 430 -29.69 -25.46 12.52
N GLY B 431 -28.80 -24.47 12.40
CA GLY B 431 -29.17 -23.21 11.77
C GLY B 431 -30.06 -22.36 12.66
N LEU B 432 -30.04 -22.64 13.96
CA LEU B 432 -30.72 -21.78 14.92
C LEU B 432 -29.92 -20.49 14.97
N VAL B 433 -30.58 -19.33 14.96
CA VAL B 433 -29.85 -18.06 15.01
C VAL B 433 -30.28 -17.17 16.18
N GLU B 434 -29.31 -16.90 17.05
CA GLU B 434 -29.51 -16.09 18.23
C GLU B 434 -28.82 -14.76 18.00
N SER B 435 -29.32 -13.73 18.66
CA SER B 435 -28.95 -12.36 18.35
C SER B 435 -29.45 -11.51 19.46
N PHE B 436 -29.13 -10.23 19.47
CA PHE B 436 -29.62 -9.34 20.53
C PHE B 436 -30.49 -8.24 19.96
N ILE B 437 -31.43 -7.77 20.78
CA ILE B 437 -32.27 -6.67 20.35
C ILE B 437 -31.50 -5.35 20.45
N ASP B 438 -31.48 -4.58 19.36
CA ASP B 438 -30.98 -3.21 19.43
C ASP B 438 -32.20 -2.26 19.55
N THR B 439 -32.91 -2.03 18.45
CA THR B 439 -34.06 -1.13 18.45
C THR B 439 -35.31 -1.74 17.83
N VAL B 440 -36.36 -1.83 18.65
CA VAL B 440 -37.71 -2.09 18.17
C VAL B 440 -38.66 -0.94 18.53
N GLU B 441 -39.16 -0.26 17.51
CA GLU B 441 -40.13 0.80 17.68
C GLU B 441 -39.76 1.75 18.82
N ASN B 442 -38.69 2.53 18.65
CA ASN B 442 -38.29 3.55 19.65
C ASN B 442 -38.23 2.96 21.07
N ARG B 443 -37.44 1.89 21.19
CA ARG B 443 -37.27 1.15 22.44
C ARG B 443 -36.00 0.35 22.23
N ARG B 444 -34.97 0.65 23.02
CA ARG B 444 -33.72 -0.07 22.93
C ARG B 444 -33.84 -1.32 23.77
N GLY B 445 -32.92 -2.25 23.64
CA GLY B 445 -32.86 -3.38 24.56
C GLY B 445 -31.49 -3.99 24.55
N GLY B 446 -30.86 -4.09 25.71
CA GLY B 446 -29.56 -4.76 25.78
C GLY B 446 -29.96 -6.11 26.28
N THR B 447 -30.58 -6.87 25.39
CA THR B 447 -31.15 -8.14 25.74
C THR B 447 -31.22 -9.04 24.50
N LEU B 448 -31.42 -10.32 24.75
CA LEU B 448 -31.38 -11.35 23.72
C LEU B 448 -32.65 -11.35 22.89
N ALA B 449 -32.51 -11.60 21.60
CA ALA B 449 -33.65 -11.64 20.68
C ALA B 449 -34.29 -13.01 20.69
N PRO B 450 -35.50 -13.14 20.18
CA PRO B 450 -36.07 -14.47 19.99
C PRO B 450 -35.12 -15.24 19.07
N THR B 451 -34.81 -16.49 19.41
CA THR B 451 -34.03 -17.36 18.54
C THR B 451 -34.89 -17.71 17.32
N VAL B 452 -34.28 -17.70 16.14
CA VAL B 452 -34.99 -18.03 14.91
C VAL B 452 -34.20 -19.10 14.19
N ARG B 453 -34.76 -19.62 13.11
CA ARG B 453 -34.09 -20.69 12.39
C ARG B 453 -34.04 -20.44 10.88
N VAL B 454 -32.87 -20.70 10.28
CA VAL B 454 -32.70 -20.72 8.84
C VAL B 454 -32.31 -22.13 8.34
N ARG B 455 -33.15 -22.69 7.46
CA ARG B 455 -32.81 -23.89 6.71
C ARG B 455 -31.75 -23.53 5.66
N ILE B 456 -30.71 -24.35 5.56
CA ILE B 456 -29.55 -24.06 4.69
C ILE B 456 -29.38 -25.16 3.67
N ALA B 457 -29.34 -24.80 2.40
CA ALA B 457 -29.25 -25.78 1.33
C ALA B 457 -28.41 -25.24 0.18
N GLN B 458 -27.24 -25.83 0.01
CA GLN B 458 -26.34 -25.43 -1.06
C GLN B 458 -26.04 -23.93 -0.95
N ASN B 459 -26.29 -23.14 -1.99
CA ASN B 459 -26.02 -21.70 -1.93
C ASN B 459 -27.23 -20.85 -1.57
N ALA B 460 -28.25 -21.46 -0.98
CA ALA B 460 -29.46 -20.74 -0.64
C ALA B 460 -29.92 -21.11 0.76
N SER B 461 -30.74 -20.23 1.33
CA SER B 461 -31.28 -20.45 2.66
C SER B 461 -32.67 -19.88 2.77
N ALA B 462 -33.40 -20.29 3.79
CA ALA B 462 -34.73 -19.73 4.02
C ALA B 462 -35.07 -19.68 5.48
N VAL B 463 -35.63 -18.56 5.90
CA VAL B 463 -36.14 -18.45 7.26
C VAL B 463 -37.22 -19.50 7.40
N ASP B 464 -37.10 -20.31 8.43
CA ASP B 464 -38.07 -21.36 8.71
C ASP B 464 -39.22 -20.86 9.57
N LEU B 465 -40.33 -20.53 8.92
CA LEU B 465 -41.47 -19.95 9.64
C LEU B 465 -42.31 -20.97 10.35
N ARG B 466 -42.00 -22.25 10.21
CA ARG B 466 -42.72 -23.26 11.01
C ARG B 466 -41.99 -23.54 12.33
N TYR B 467 -40.90 -22.83 12.57
CA TYR B 467 -40.12 -22.98 13.80
C TYR B 467 -40.68 -22.08 14.89
N GLY B 468 -40.77 -22.62 16.11
CA GLY B 468 -41.28 -21.88 17.26
C GLY B 468 -42.70 -21.42 17.04
N ASN B 469 -42.90 -20.11 17.00
CA ASN B 469 -44.20 -19.50 16.77
C ASN B 469 -44.14 -18.52 15.60
N GLY B 470 -44.47 -19.00 14.41
CA GLY B 470 -44.32 -18.21 13.20
C GLY B 470 -42.90 -17.75 13.00
N GLY B 471 -41.95 -18.60 13.39
CA GLY B 471 -40.53 -18.32 13.16
C GLY B 471 -39.73 -17.83 14.36
N LEU B 472 -40.43 -17.38 15.39
CA LEU B 472 -39.81 -16.89 16.61
C LEU B 472 -39.80 -17.99 17.64
N GLY B 473 -38.63 -18.30 18.16
CA GLY B 473 -38.44 -19.28 19.21
C GLY B 473 -38.30 -18.49 20.48
N GLY B 474 -37.62 -19.06 21.44
CA GLY B 474 -37.53 -18.44 22.75
C GLY B 474 -36.55 -17.29 22.76
N TYR B 475 -36.87 -16.26 23.52
CA TYR B 475 -35.92 -15.17 23.82
C TYR B 475 -34.64 -15.74 24.41
N GLY B 476 -33.55 -15.50 23.69
CA GLY B 476 -32.23 -15.92 24.11
C GLY B 476 -32.12 -17.42 24.24
N ASP B 477 -32.76 -18.15 23.32
CA ASP B 477 -32.71 -19.61 23.38
C ASP B 477 -31.41 -20.05 22.71
N ILE B 478 -30.40 -20.30 23.55
CA ILE B 478 -29.09 -20.71 23.11
C ILE B 478 -28.85 -22.06 23.73
N PRO B 479 -29.46 -23.09 23.14
CA PRO B 479 -29.46 -24.40 23.76
C PRO B 479 -28.20 -25.19 23.41
N ALA B 480 -27.77 -26.07 24.31
CA ALA B 480 -26.61 -26.93 24.05
C ALA B 480 -27.08 -28.08 23.20
N ASN B 481 -26.23 -28.63 22.35
CA ASN B 481 -26.58 -29.88 21.66
C ASN B 481 -25.70 -31.04 22.11
N ARG B 482 -24.76 -30.75 22.99
CA ARG B 482 -23.88 -31.76 23.61
C ARG B 482 -23.79 -31.44 25.09
N ALA B 483 -23.32 -32.41 25.89
CA ALA B 483 -23.27 -32.26 27.35
C ALA B 483 -21.96 -32.78 27.95
N ASP B 484 -21.17 -31.89 28.55
CA ASP B 484 -20.00 -32.30 29.34
C ASP B 484 -20.44 -32.67 30.74
N VAL B 485 -20.32 -33.95 31.12
CA VAL B 485 -20.44 -34.35 32.53
C VAL B 485 -19.08 -34.84 33.02
N ASN B 486 -18.55 -34.25 34.08
CA ASN B 486 -17.37 -34.81 34.73
C ASN B 486 -17.53 -34.82 36.25
N ILE B 487 -18.19 -35.87 36.67
CA ILE B 487 -18.16 -36.34 38.03
C ILE B 487 -17.14 -35.60 38.89
N ALA B 488 -15.86 -35.76 38.57
CA ALA B 488 -14.79 -35.43 39.49
C ALA B 488 -14.73 -33.95 39.90
N GLY B 489 -14.91 -33.04 38.94
CA GLY B 489 -14.90 -31.61 39.23
C GLY B 489 -16.16 -31.15 39.94
N PHE B 490 -17.24 -31.91 39.70
CA PHE B 490 -18.50 -31.75 40.46
C PHE B 490 -18.16 -32.06 41.91
N ILE B 491 -17.73 -33.29 42.15
CA ILE B 491 -17.32 -33.73 43.48
C ILE B 491 -16.35 -32.74 44.13
N GLN B 492 -15.45 -32.13 43.35
CA GLN B 492 -14.57 -31.08 43.92
C GLN B 492 -15.42 -29.84 44.24
N ASP B 493 -16.70 -29.90 43.86
CA ASP B 493 -17.77 -29.41 44.75
C ASP B 493 -18.92 -30.38 45.15
#